data_8WQI
#
_entry.id   8WQI
#
_cell.length_a   1.00
_cell.length_b   1.00
_cell.length_c   1.00
_cell.angle_alpha   90.00
_cell.angle_beta   90.00
_cell.angle_gamma   90.00
#
_symmetry.space_group_name_H-M   'P 1'
#
loop_
_entity.id
_entity.type
_entity.pdbx_description
1 polymer 'Protein fem-1 homolog B'
2 polymer 'Protein CASP'
#
loop_
_entity_poly.entity_id
_entity_poly.type
_entity_poly.pdbx_seq_one_letter_code
_entity_poly.pdbx_strand_id
1 'polypeptide(L)'
;MEGLAGYVYKAASEGKVLTLAALLLNRSESDIRYLLGYVSQQGGQRSTPLIIAARNGHAKVVRLLLEHYRVQTQQTGTVR
FDGYVIDGATALWCAAGAGHFEVVKLLVSHGANVNHTTVTNSTPLRAACFDGRLDIVKYLVENNANISIANKYDNTCLMI
AAYKGHTDVVRYLLEQRADPNAKAHCGATALHFAAEAGHIDIVKELIKWRAAIVVNGHGMTPLKVAAESCKADVVELLLS
HADCDRRSRIEALELLGASFANDRENYDIIKTYHYLYLAMLERFQDGDNILEKEVLPPIHAYGNRTECRNPQELESIRQD
RDALHMEGLIVRERILGADNIDVSHPIIYRGAVYADNMEFEQCIKLWLHALHLRQKGNRNTHKDLLRFAQVFSQMIHLNE
TVKAPDIECVLRCSVLEIEQSMNRVKNISDADVHNAMDNYECNLYTFLYLVCISTKTQCSEEDQCKINKQIYNLIHLDPR
TREGFTLLHLAVNSNTPVDDFHTNDVCSFPNALVTKLLLDCGAEVNAVDNEGNSALHIIVQYNRPISDFLTLHSIIISLV
EAGAHTDMTNKQNKTPLDKSTTGVSEILLKTQMKMSLKCLAARAVRANDINYQDQIPRTLEEFVGFH
;
D
2 'polypeptide(L)' GGGSGGGSKFADHLHKFHENDNGAAAGDLWQ G
#
# COMPACT_ATOMS: atom_id res chain seq x y z
N MET A 1 17.09 18.02 -39.41
CA MET A 1 17.20 16.79 -38.63
C MET A 1 17.53 17.11 -37.18
N GLU A 2 17.39 18.39 -36.82
CA GLU A 2 17.81 18.85 -35.50
C GLU A 2 17.02 18.18 -34.39
N GLY A 3 15.69 18.16 -34.51
CA GLY A 3 14.86 17.56 -33.49
C GLY A 3 13.67 16.81 -34.05
N LEU A 4 13.80 16.32 -35.28
CA LEU A 4 12.67 15.67 -35.94
C LEU A 4 12.53 14.21 -35.49
N ALA A 5 12.49 13.99 -34.18
CA ALA A 5 12.29 12.66 -33.64
C ALA A 5 10.82 12.27 -33.59
N GLY A 6 9.91 13.24 -33.73
CA GLY A 6 8.50 12.92 -33.74
C GLY A 6 8.14 12.02 -34.92
N TYR A 7 8.72 12.28 -36.09
CA TYR A 7 8.45 11.46 -37.26
C TYR A 7 8.82 10.00 -37.01
N VAL A 8 10.05 9.77 -36.54
CA VAL A 8 10.52 8.39 -36.38
C VAL A 8 9.79 7.70 -35.24
N TYR A 9 9.53 8.42 -34.13
CA TYR A 9 8.82 7.79 -33.02
C TYR A 9 7.38 7.45 -33.40
N LYS A 10 6.70 8.34 -34.12
CA LYS A 10 5.33 8.05 -34.53
C LYS A 10 5.27 6.95 -35.57
N ALA A 11 6.24 6.90 -36.49
CA ALA A 11 6.28 5.82 -37.46
C ALA A 11 6.56 4.48 -36.81
N ALA A 12 7.45 4.45 -35.82
CA ALA A 12 7.76 3.21 -35.12
C ALA A 12 6.70 2.82 -34.11
N SER A 13 5.83 3.76 -33.70
CA SER A 13 4.76 3.42 -32.76
C SER A 13 3.80 2.41 -33.35
N GLU A 14 3.41 2.59 -34.62
CA GLU A 14 2.64 1.60 -35.35
C GLU A 14 3.51 0.80 -36.31
N GLY A 15 4.82 0.94 -36.24
CA GLY A 15 5.71 0.18 -37.10
C GLY A 15 5.64 0.54 -38.57
N LYS A 16 5.48 1.81 -38.89
CA LYS A 16 5.46 2.24 -40.29
C LYS A 16 6.85 2.11 -40.90
N VAL A 17 6.90 1.67 -42.16
CA VAL A 17 8.15 1.44 -42.87
C VAL A 17 8.42 2.53 -43.90
N LEU A 18 7.41 2.84 -44.72
CA LEU A 18 7.60 3.83 -45.78
C LEU A 18 7.84 5.22 -45.22
N THR A 19 7.23 5.55 -44.08
CA THR A 19 7.50 6.84 -43.45
C THR A 19 8.96 6.96 -43.05
N LEU A 20 9.53 5.91 -42.48
CA LEU A 20 10.94 5.92 -42.11
C LEU A 20 11.84 5.95 -43.36
N ALA A 21 11.46 5.22 -44.40
CA ALA A 21 12.24 5.23 -45.63
C ALA A 21 12.25 6.61 -46.28
N ALA A 22 11.13 7.34 -46.19
CA ALA A 22 11.11 8.72 -46.65
C ALA A 22 11.85 9.64 -45.69
N LEU A 23 11.89 9.31 -44.40
CA LEU A 23 12.62 10.11 -43.43
C LEU A 23 14.11 10.09 -43.71
N LEU A 24 14.66 8.91 -44.01
CA LEU A 24 16.06 8.79 -44.35
C LEU A 24 16.29 9.14 -45.82
N LEU A 25 17.10 10.17 -46.07
CA LEU A 25 17.31 10.62 -47.45
C LEU A 25 18.78 11.03 -47.62
N ASN A 26 19.60 10.07 -48.07
CA ASN A 26 20.94 10.32 -48.57
C ASN A 26 21.79 11.12 -47.57
N ARG A 27 22.05 10.51 -46.42
CA ARG A 27 22.76 11.16 -45.34
C ARG A 27 24.16 10.57 -45.20
N SER A 28 25.14 11.44 -44.97
CA SER A 28 26.50 11.03 -44.65
C SER A 28 26.56 10.60 -43.18
N GLU A 29 27.75 10.38 -42.65
CA GLU A 29 27.89 9.76 -41.34
C GLU A 29 27.25 10.61 -40.24
N SER A 30 27.53 11.92 -40.26
CA SER A 30 27.14 12.78 -39.15
C SER A 30 25.62 12.85 -39.00
N ASP A 31 24.93 13.29 -40.06
CA ASP A 31 23.49 13.44 -39.95
C ASP A 31 22.76 12.10 -39.91
N ILE A 32 23.31 11.05 -40.51
CA ILE A 32 22.65 9.74 -40.41
C ILE A 32 22.70 9.25 -38.97
N ARG A 33 23.83 9.45 -38.28
CA ARG A 33 23.88 9.04 -36.87
C ARG A 33 23.03 9.95 -36.00
N TYR A 34 23.01 11.26 -36.31
CA TYR A 34 22.22 12.20 -35.54
C TYR A 34 20.73 11.93 -35.70
N LEU A 35 20.33 11.38 -36.85
CA LEU A 35 18.94 10.96 -37.03
C LEU A 35 18.65 9.66 -36.31
N LEU A 36 19.42 8.61 -36.60
CA LEU A 36 19.10 7.28 -36.11
C LEU A 36 19.20 7.19 -34.59
N GLY A 37 20.21 7.80 -33.99
CA GLY A 37 20.39 7.74 -32.56
C GLY A 37 19.66 8.80 -31.77
N TYR A 38 18.84 9.63 -32.41
CA TYR A 38 18.23 10.78 -31.74
C TYR A 38 17.14 10.29 -30.78
N VAL A 39 17.46 10.30 -29.50
CA VAL A 39 16.47 10.01 -28.47
C VAL A 39 15.75 11.31 -28.11
N SER A 40 14.62 11.18 -27.42
CA SER A 40 13.87 12.34 -26.95
C SER A 40 13.34 12.01 -25.56
N GLN A 41 12.52 12.90 -25.00
CA GLN A 41 12.11 12.75 -23.60
C GLN A 41 10.82 11.93 -23.47
N GLN A 42 9.70 12.48 -23.95
CA GLN A 42 8.38 11.84 -23.87
C GLN A 42 8.12 11.28 -22.46
N GLY A 43 8.06 12.20 -21.49
CA GLY A 43 8.06 11.92 -20.07
C GLY A 43 7.36 10.65 -19.60
N GLY A 44 8.10 9.79 -18.90
CA GLY A 44 7.67 8.46 -18.55
C GLY A 44 8.46 7.37 -19.24
N GLN A 45 8.92 7.64 -20.46
CA GLN A 45 9.77 6.71 -21.20
C GLN A 45 11.04 7.41 -21.64
N ARG A 46 11.88 6.72 -22.42
CA ARG A 46 13.06 7.32 -23.01
C ARG A 46 12.91 7.61 -24.50
N SER A 47 11.81 7.18 -25.11
CA SER A 47 11.36 7.63 -26.42
C SER A 47 12.36 7.34 -27.53
N THR A 48 13.19 6.32 -27.38
CA THR A 48 14.04 5.92 -28.49
C THR A 48 13.18 5.28 -29.58
N PRO A 49 13.58 5.38 -30.84
CA PRO A 49 12.85 4.63 -31.88
C PRO A 49 12.82 3.14 -31.61
N LEU A 50 13.95 2.60 -31.16
CA LEU A 50 14.10 1.18 -30.85
C LEU A 50 13.84 0.89 -29.38
N ILE A 51 12.73 1.43 -28.87
CA ILE A 51 12.09 0.93 -27.66
C ILE A 51 10.62 0.69 -27.99
N ILE A 52 10.00 1.63 -28.69
CA ILE A 52 8.63 1.44 -29.14
C ILE A 52 8.58 0.63 -30.43
N ALA A 53 9.70 0.50 -31.14
CA ALA A 53 9.76 -0.42 -32.27
C ALA A 53 9.66 -1.86 -31.81
N ALA A 54 10.05 -2.16 -30.57
CA ALA A 54 9.96 -3.50 -30.02
C ALA A 54 8.81 -3.68 -29.05
N ARG A 55 8.39 -2.63 -28.35
CA ARG A 55 7.28 -2.75 -27.41
C ARG A 55 5.98 -3.06 -28.14
N ASN A 56 5.73 -2.41 -29.28
CA ASN A 56 4.52 -2.64 -30.04
C ASN A 56 4.61 -3.83 -30.99
N GLY A 57 5.75 -4.51 -31.03
CA GLY A 57 5.90 -5.69 -31.86
C GLY A 57 5.91 -5.37 -33.35
N HIS A 58 6.96 -4.68 -33.80
CA HIS A 58 7.10 -4.33 -35.21
C HIS A 58 8.55 -4.55 -35.61
N ALA A 59 8.83 -5.75 -36.13
CA ALA A 59 10.19 -6.11 -36.50
C ALA A 59 10.66 -5.44 -37.77
N LYS A 60 9.77 -4.83 -38.56
CA LYS A 60 10.18 -4.19 -39.80
C LYS A 60 10.98 -2.92 -39.53
N VAL A 61 10.54 -2.14 -38.54
CA VAL A 61 11.26 -0.91 -38.18
C VAL A 61 12.65 -1.24 -37.68
N VAL A 62 12.76 -2.23 -36.79
CA VAL A 62 14.07 -2.66 -36.32
C VAL A 62 14.88 -3.26 -37.46
N ARG A 63 14.20 -3.89 -38.43
CA ARG A 63 14.90 -4.48 -39.56
C ARG A 63 15.56 -3.42 -40.44
N LEU A 64 14.86 -2.32 -40.71
CA LEU A 64 15.49 -1.26 -41.49
C LEU A 64 16.56 -0.54 -40.66
N LEU A 65 16.40 -0.53 -39.34
CA LEU A 65 17.38 0.11 -38.47
C LEU A 65 18.62 -0.73 -38.24
N LEU A 66 18.63 -2.00 -38.64
CA LEU A 66 19.72 -2.91 -38.31
C LEU A 66 20.20 -3.73 -39.51
N GLU A 67 19.91 -3.29 -40.73
CA GLU A 67 20.29 -4.05 -41.92
C GLU A 67 21.55 -3.50 -42.57
N HIS A 68 21.56 -2.23 -42.95
CA HIS A 68 22.70 -1.60 -43.60
C HIS A 68 23.46 -0.67 -42.66
N TYR A 69 22.92 -0.37 -41.49
CA TYR A 69 23.66 0.25 -40.40
C TYR A 69 23.23 -0.39 -39.10
N ARG A 70 24.13 -0.44 -38.14
CA ARG A 70 23.90 -1.11 -36.87
C ARG A 70 23.59 -0.05 -35.83
N VAL A 71 22.31 0.25 -35.63
CA VAL A 71 21.87 1.27 -34.68
C VAL A 71 22.13 0.71 -33.29
N GLN A 72 22.09 1.57 -32.27
CA GLN A 72 22.50 1.17 -30.93
C GLN A 72 21.49 0.20 -30.32
N THR A 73 21.75 -1.10 -30.48
CA THR A 73 20.94 -2.11 -29.82
C THR A 73 21.07 -2.01 -28.31
N GLN A 74 22.27 -1.70 -27.81
CA GLN A 74 22.49 -1.46 -26.39
C GLN A 74 22.11 -0.03 -26.02
N GLN A 75 20.83 0.27 -26.20
CA GLN A 75 20.29 1.59 -25.88
C GLN A 75 19.56 1.53 -24.55
N THR A 76 20.06 2.29 -23.57
CA THR A 76 19.41 2.38 -22.28
C THR A 76 18.05 3.06 -22.43
N GLY A 77 17.03 2.49 -21.81
CA GLY A 77 15.69 3.04 -21.93
C GLY A 77 14.80 2.58 -20.81
N THR A 78 13.70 3.32 -20.63
CA THR A 78 12.67 2.99 -19.65
C THR A 78 11.37 2.76 -20.39
N VAL A 79 10.73 1.63 -20.11
CA VAL A 79 9.46 1.27 -20.75
C VAL A 79 8.48 0.88 -19.65
N ARG A 80 7.19 1.07 -19.91
CA ARG A 80 6.15 0.80 -18.93
C ARG A 80 5.23 -0.30 -19.43
N PHE A 81 5.02 -1.31 -18.58
CA PHE A 81 3.95 -2.29 -18.72
C PHE A 81 3.13 -2.17 -17.44
N ASP A 82 2.05 -1.39 -17.51
CA ASP A 82 1.30 -0.94 -16.32
C ASP A 82 2.29 -0.17 -15.44
N GLY A 83 2.31 -0.40 -14.12
CA GLY A 83 3.22 0.31 -13.26
C GLY A 83 4.58 -0.33 -13.13
N TYR A 84 5.22 -0.62 -14.27
CA TYR A 84 6.51 -1.29 -14.32
C TYR A 84 7.52 -0.48 -15.12
N VAL A 85 7.63 0.81 -14.81
CA VAL A 85 8.57 1.67 -15.49
C VAL A 85 9.98 1.33 -15.00
N ILE A 86 10.71 0.55 -15.80
CA ILE A 86 12.01 0.02 -15.42
C ILE A 86 13.05 0.57 -16.38
N ASP A 87 14.12 1.16 -15.81
CA ASP A 87 15.18 1.72 -16.62
C ASP A 87 16.00 0.61 -17.28
N GLY A 88 16.99 1.01 -18.06
CA GLY A 88 17.91 0.06 -18.66
C GLY A 88 17.26 -0.95 -19.58
N ALA A 89 16.03 -0.67 -20.03
CA ALA A 89 15.28 -1.62 -20.85
C ALA A 89 15.66 -1.37 -22.31
N THR A 90 16.60 -2.17 -22.81
CA THR A 90 16.95 -2.11 -24.22
C THR A 90 15.81 -2.69 -25.06
N ALA A 91 16.04 -2.77 -26.37
CA ALA A 91 15.02 -3.34 -27.24
C ALA A 91 14.78 -4.82 -26.91
N LEU A 92 15.85 -5.54 -26.58
CA LEU A 92 15.70 -6.95 -26.23
C LEU A 92 14.85 -7.12 -24.98
N TRP A 93 15.07 -6.28 -23.96
CA TRP A 93 14.33 -6.42 -22.72
C TRP A 93 12.84 -6.16 -22.92
N CYS A 94 12.49 -5.02 -23.53
CA CYS A 94 11.09 -4.68 -23.72
C CYS A 94 10.41 -5.63 -24.71
N ALA A 95 11.16 -6.10 -25.72
CA ALA A 95 10.63 -7.08 -26.64
C ALA A 95 10.30 -8.39 -25.94
N ALA A 96 11.20 -8.85 -25.07
CA ALA A 96 10.93 -10.06 -24.31
C ALA A 96 9.77 -9.87 -23.35
N GLY A 97 9.69 -8.70 -22.72
CA GLY A 97 8.59 -8.44 -21.81
C GLY A 97 7.24 -8.41 -22.51
N ALA A 98 7.18 -7.79 -23.68
CA ALA A 98 5.95 -7.81 -24.46
C ALA A 98 5.70 -9.18 -25.08
N GLY A 99 6.75 -9.87 -25.52
CA GLY A 99 6.63 -11.22 -26.01
C GLY A 99 6.61 -11.36 -27.52
N HIS A 100 7.50 -10.64 -28.20
CA HIS A 100 7.61 -10.71 -29.65
C HIS A 100 8.89 -11.46 -30.01
N PHE A 101 8.73 -12.61 -30.65
CA PHE A 101 9.88 -13.40 -31.08
C PHE A 101 10.56 -12.83 -32.31
N GLU A 102 9.81 -12.11 -33.16
CA GLU A 102 10.37 -11.62 -34.42
C GLU A 102 11.45 -10.56 -34.17
N VAL A 103 11.13 -9.56 -33.35
CA VAL A 103 12.09 -8.48 -33.09
C VAL A 103 13.28 -9.00 -32.26
N VAL A 104 13.02 -9.93 -31.34
CA VAL A 104 14.11 -10.55 -30.59
C VAL A 104 15.06 -11.27 -31.53
N LYS A 105 14.51 -12.01 -32.50
CA LYS A 105 15.32 -12.67 -33.51
C LYS A 105 16.09 -11.67 -34.37
N LEU A 106 15.62 -10.43 -34.45
CA LEU A 106 16.30 -9.39 -35.20
C LEU A 106 17.23 -8.56 -34.33
N LEU A 107 17.41 -8.93 -33.07
CA LEU A 107 18.31 -8.25 -32.15
C LEU A 107 19.50 -9.11 -31.75
N VAL A 108 19.25 -10.36 -31.34
CA VAL A 108 20.33 -11.25 -30.94
C VAL A 108 21.10 -11.74 -32.16
N SER A 109 20.50 -11.69 -33.35
CA SER A 109 21.21 -12.08 -34.56
C SER A 109 22.42 -11.18 -34.82
N HIS A 110 22.23 -9.87 -34.64
CA HIS A 110 23.35 -8.94 -34.72
C HIS A 110 24.21 -8.96 -33.45
N GLY A 111 23.68 -9.51 -32.36
CA GLY A 111 24.39 -9.55 -31.10
C GLY A 111 23.91 -8.49 -30.13
N ALA A 112 23.04 -8.89 -29.20
CA ALA A 112 22.46 -7.98 -28.24
C ALA A 112 22.86 -8.37 -26.83
N ASN A 113 22.71 -7.43 -25.90
CA ASN A 113 23.03 -7.66 -24.50
C ASN A 113 21.95 -8.56 -23.90
N VAL A 114 22.13 -9.87 -24.11
CA VAL A 114 21.18 -10.86 -23.63
C VAL A 114 21.08 -10.88 -22.10
N ASN A 115 22.08 -10.35 -21.43
CA ASN A 115 22.11 -10.25 -19.97
C ASN A 115 22.16 -8.79 -19.52
N HIS A 116 21.43 -7.92 -20.21
CA HIS A 116 21.41 -6.49 -19.88
C HIS A 116 20.64 -6.30 -18.58
N THR A 117 21.33 -5.83 -17.55
CA THR A 117 20.72 -5.61 -16.24
C THR A 117 19.93 -4.31 -16.25
N THR A 118 19.45 -3.91 -15.08
CA THR A 118 18.72 -2.66 -14.89
C THR A 118 18.83 -2.26 -13.42
N VAL A 119 17.99 -1.32 -12.99
CA VAL A 119 17.99 -0.94 -11.58
C VAL A 119 17.51 -2.10 -10.73
N THR A 120 16.68 -2.98 -11.27
CA THR A 120 16.23 -4.18 -10.58
C THR A 120 16.97 -5.43 -11.03
N ASN A 121 17.98 -5.29 -11.89
CA ASN A 121 18.76 -6.41 -12.42
C ASN A 121 17.87 -7.46 -13.07
N SER A 122 16.86 -7.00 -13.79
CA SER A 122 15.95 -7.90 -14.50
C SER A 122 16.54 -8.22 -15.87
N THR A 123 17.02 -9.45 -16.02
CA THR A 123 17.56 -9.91 -17.30
C THR A 123 16.42 -9.95 -18.33
N PRO A 124 16.73 -9.70 -19.61
CA PRO A 124 15.72 -9.92 -20.65
C PRO A 124 15.07 -11.30 -20.60
N LEU A 125 15.83 -12.32 -20.19
CA LEU A 125 15.26 -13.64 -20.02
C LEU A 125 14.21 -13.66 -18.92
N ARG A 126 14.41 -12.87 -17.87
CA ARG A 126 13.40 -12.77 -16.82
C ARG A 126 12.12 -12.11 -17.33
N ALA A 127 12.26 -11.10 -18.19
CA ALA A 127 11.08 -10.48 -18.78
C ALA A 127 10.33 -11.46 -19.68
N ALA A 128 11.07 -12.25 -20.47
CA ALA A 128 10.44 -13.27 -21.30
C ALA A 128 9.73 -14.32 -20.46
N CYS A 129 10.35 -14.72 -19.34
CA CYS A 129 9.71 -15.67 -18.45
C CYS A 129 8.45 -15.09 -17.82
N PHE A 130 8.48 -13.80 -17.51
CA PHE A 130 7.27 -13.13 -17.01
C PHE A 130 6.18 -13.13 -18.07
N ASP A 131 6.55 -12.88 -19.32
CA ASP A 131 5.58 -13.00 -20.42
C ASP A 131 5.11 -14.45 -20.57
N GLY A 132 6.05 -15.40 -20.49
CA GLY A 132 5.71 -16.81 -20.49
C GLY A 132 5.89 -17.53 -21.80
N ARG A 133 6.34 -16.86 -22.85
CA ARG A 133 6.52 -17.52 -24.14
C ARG A 133 7.71 -18.47 -24.08
N LEU A 134 7.51 -19.69 -24.59
CA LEU A 134 8.59 -20.67 -24.60
C LEU A 134 9.63 -20.37 -25.68
N ASP A 135 9.21 -19.84 -26.82
CA ASP A 135 10.12 -19.62 -27.94
C ASP A 135 11.21 -18.61 -27.58
N ILE A 136 10.83 -17.52 -26.90
CA ILE A 136 11.81 -16.50 -26.54
C ILE A 136 12.78 -17.03 -25.49
N VAL A 137 12.28 -17.83 -24.55
CA VAL A 137 13.12 -18.32 -23.46
C VAL A 137 14.21 -19.24 -23.99
N LYS A 138 13.84 -20.21 -24.85
CA LYS A 138 14.84 -21.11 -25.39
C LYS A 138 15.78 -20.39 -26.34
N TYR A 139 15.27 -19.39 -27.08
CA TYR A 139 16.13 -18.59 -27.94
C TYR A 139 17.18 -17.85 -27.12
N LEU A 140 16.78 -17.29 -25.98
CA LEU A 140 17.73 -16.58 -25.14
C LEU A 140 18.75 -17.53 -24.52
N VAL A 141 18.27 -18.66 -23.97
CA VAL A 141 19.18 -19.61 -23.31
C VAL A 141 20.18 -20.16 -24.31
N GLU A 142 19.72 -20.49 -25.52
CA GLU A 142 20.62 -21.01 -26.55
C GLU A 142 21.66 -19.98 -26.98
N ASN A 143 21.44 -18.70 -26.68
CA ASN A 143 22.40 -17.64 -26.96
C ASN A 143 23.16 -17.20 -25.71
N ASN A 144 23.17 -18.04 -24.66
CA ASN A 144 23.90 -17.78 -23.42
C ASN A 144 23.45 -16.48 -22.76
N ALA A 145 22.18 -16.48 -22.33
CA ALA A 145 21.55 -15.29 -21.76
C ALA A 145 21.58 -15.28 -20.24
N ASN A 146 22.54 -15.96 -19.62
CA ASN A 146 22.82 -15.83 -18.18
C ASN A 146 21.59 -16.18 -17.34
N ILE A 147 21.24 -17.48 -17.38
CA ILE A 147 20.12 -17.98 -16.61
C ILE A 147 20.31 -17.70 -15.12
N SER A 148 21.55 -17.80 -14.64
CA SER A 148 21.81 -17.67 -13.20
C SER A 148 21.65 -16.25 -12.68
N ILE A 149 21.58 -15.25 -13.56
CA ILE A 149 21.54 -13.87 -13.11
C ILE A 149 20.16 -13.58 -12.51
N ALA A 150 20.14 -13.15 -11.25
CA ALA A 150 18.92 -12.85 -10.54
C ALA A 150 18.67 -11.34 -10.53
N ASN A 151 17.58 -10.95 -9.85
CA ASN A 151 17.25 -9.55 -9.67
C ASN A 151 17.95 -9.04 -8.42
N LYS A 152 17.55 -7.86 -7.93
CA LYS A 152 18.08 -7.36 -6.66
C LYS A 152 17.75 -8.31 -5.53
N TYR A 153 16.53 -8.81 -5.48
CA TYR A 153 16.02 -9.59 -4.36
C TYR A 153 16.19 -11.09 -4.57
N ASP A 154 17.06 -11.50 -5.49
CA ASP A 154 17.34 -12.91 -5.80
C ASP A 154 16.05 -13.64 -6.20
N ASN A 155 15.54 -13.23 -7.36
CA ASN A 155 14.27 -13.71 -7.89
C ASN A 155 14.49 -14.29 -9.28
N THR A 156 15.41 -15.26 -9.38
CA THR A 156 15.86 -15.88 -10.62
C THR A 156 14.69 -16.24 -11.54
N CYS A 157 14.99 -16.29 -12.85
CA CYS A 157 13.95 -16.40 -13.87
C CYS A 157 13.06 -17.62 -13.68
N LEU A 158 13.57 -18.66 -13.03
CA LEU A 158 12.76 -19.84 -12.73
C LEU A 158 11.62 -19.49 -11.78
N MET A 159 11.92 -18.66 -10.76
CA MET A 159 10.92 -18.34 -9.76
C MET A 159 9.77 -17.52 -10.33
N ILE A 160 10.07 -16.55 -11.20
CA ILE A 160 9.02 -15.78 -11.83
C ILE A 160 8.29 -16.60 -12.89
N ALA A 161 8.95 -17.63 -13.44
CA ALA A 161 8.27 -18.53 -14.35
C ALA A 161 7.33 -19.47 -13.61
N ALA A 162 7.68 -19.82 -12.37
CA ALA A 162 6.87 -20.71 -11.56
C ALA A 162 5.75 -19.97 -10.82
N TYR A 163 5.74 -18.65 -10.87
CA TYR A 163 4.73 -17.85 -10.18
C TYR A 163 3.65 -17.32 -11.09
N LYS A 164 3.99 -16.97 -12.33
CA LYS A 164 3.03 -16.39 -13.27
C LYS A 164 2.26 -17.43 -14.06
N GLY A 165 2.51 -18.72 -13.82
CA GLY A 165 1.74 -19.75 -14.47
C GLY A 165 2.17 -20.08 -15.89
N HIS A 166 3.42 -20.51 -16.04
CA HIS A 166 3.97 -20.92 -17.33
C HIS A 166 4.73 -22.23 -17.11
N THR A 167 4.04 -23.35 -17.29
CA THR A 167 4.65 -24.66 -17.05
C THR A 167 5.70 -25.00 -18.10
N ASP A 168 5.49 -24.57 -19.34
CA ASP A 168 6.42 -24.93 -20.41
C ASP A 168 7.81 -24.37 -20.16
N VAL A 169 7.89 -23.07 -19.86
CA VAL A 169 9.20 -22.46 -19.63
C VAL A 169 9.81 -22.98 -18.34
N VAL A 170 8.98 -23.37 -17.36
CA VAL A 170 9.52 -23.95 -16.13
C VAL A 170 10.18 -25.30 -16.43
N ARG A 171 9.49 -26.14 -17.21
CA ARG A 171 10.07 -27.43 -17.59
C ARG A 171 11.34 -27.24 -18.40
N TYR A 172 11.34 -26.27 -19.32
CA TYR A 172 12.54 -26.02 -20.11
C TYR A 172 13.69 -25.51 -19.25
N LEU A 173 13.40 -24.60 -18.31
CA LEU A 173 14.44 -24.06 -17.45
C LEU A 173 15.05 -25.14 -16.57
N LEU A 174 14.20 -25.98 -15.96
CA LEU A 174 14.72 -27.12 -15.22
C LEU A 174 15.49 -28.07 -16.12
N GLU A 175 15.14 -28.13 -17.40
CA GLU A 175 15.82 -29.00 -18.34
C GLU A 175 17.13 -28.42 -18.86
N GLN A 176 17.43 -27.16 -18.55
CA GLN A 176 18.62 -26.48 -19.05
C GLN A 176 19.53 -26.05 -17.90
N ARG A 177 19.66 -26.91 -16.89
CA ARG A 177 20.59 -26.71 -15.77
C ARG A 177 20.33 -25.40 -15.04
N ALA A 178 19.13 -25.28 -14.50
CA ALA A 178 18.77 -24.12 -13.68
C ALA A 178 18.97 -24.47 -12.21
N ASP A 179 18.47 -23.59 -11.33
CA ASP A 179 18.61 -23.76 -9.88
C ASP A 179 17.24 -24.01 -9.28
N PRO A 180 16.82 -25.27 -9.14
CA PRO A 180 15.54 -25.54 -8.45
C PRO A 180 15.55 -25.13 -6.99
N ASN A 181 16.71 -25.20 -6.33
CA ASN A 181 16.83 -24.87 -4.92
C ASN A 181 17.31 -23.44 -4.69
N ALA A 182 17.10 -22.55 -5.66
CA ALA A 182 17.54 -21.17 -5.52
C ALA A 182 16.73 -20.46 -4.44
N LYS A 183 17.42 -19.68 -3.62
CA LYS A 183 16.81 -18.96 -2.52
C LYS A 183 16.62 -17.49 -2.90
N ALA A 184 16.20 -16.68 -1.93
CA ALA A 184 15.98 -15.26 -2.14
C ALA A 184 16.46 -14.50 -0.91
N HIS A 185 16.31 -13.17 -0.95
CA HIS A 185 16.72 -12.34 0.17
C HIS A 185 15.89 -12.64 1.42
N CYS A 186 14.61 -12.94 1.26
CA CYS A 186 13.74 -13.33 2.36
C CYS A 186 13.48 -14.82 2.40
N GLY A 187 13.82 -15.55 1.34
CA GLY A 187 13.55 -16.97 1.24
C GLY A 187 12.32 -17.21 0.38
N ALA A 188 12.54 -17.52 -0.89
CA ALA A 188 11.45 -17.69 -1.85
C ALA A 188 11.77 -18.84 -2.79
N THR A 189 12.16 -19.99 -2.23
CA THR A 189 12.52 -21.17 -3.01
C THR A 189 11.46 -21.52 -4.05
N ALA A 190 11.88 -22.20 -5.11
CA ALA A 190 11.03 -22.34 -6.29
C ALA A 190 9.69 -23.01 -5.99
N LEU A 191 9.63 -23.82 -4.93
CA LEU A 191 8.36 -24.41 -4.54
C LEU A 191 7.44 -23.39 -3.89
N HIS A 192 7.99 -22.35 -3.27
CA HIS A 192 7.16 -21.38 -2.57
C HIS A 192 6.26 -20.62 -3.54
N PHE A 193 6.82 -20.13 -4.64
CA PHE A 193 6.04 -19.33 -5.57
C PHE A 193 4.99 -20.18 -6.28
N ALA A 194 5.38 -21.37 -6.74
CA ALA A 194 4.43 -22.25 -7.41
C ALA A 194 3.33 -22.72 -6.47
N ALA A 195 3.69 -23.01 -5.21
CA ALA A 195 2.68 -23.40 -4.23
C ALA A 195 1.73 -22.26 -3.92
N GLU A 196 2.26 -21.04 -3.79
CA GLU A 196 1.41 -19.88 -3.54
C GLU A 196 0.45 -19.64 -4.70
N ALA A 197 0.95 -19.75 -5.93
CA ALA A 197 0.08 -19.57 -7.08
C ALA A 197 -0.81 -20.78 -7.30
N GLY A 198 -0.36 -21.97 -6.88
CA GLY A 198 -1.20 -23.15 -6.90
C GLY A 198 -1.09 -24.01 -8.14
N HIS A 199 -0.07 -23.83 -8.96
CA HIS A 199 0.08 -24.64 -10.16
C HIS A 199 0.48 -26.05 -9.79
N ILE A 200 -0.35 -27.02 -10.16
CA ILE A 200 -0.06 -28.42 -9.84
C ILE A 200 1.14 -28.91 -10.65
N ASP A 201 1.13 -28.65 -11.95
CA ASP A 201 2.15 -29.21 -12.84
C ASP A 201 3.55 -28.67 -12.50
N ILE A 202 3.64 -27.38 -12.20
CA ILE A 202 4.95 -26.79 -11.92
C ILE A 202 5.56 -27.44 -10.68
N VAL A 203 4.77 -27.62 -9.63
CA VAL A 203 5.26 -28.33 -8.46
C VAL A 203 5.58 -29.78 -8.79
N LYS A 204 4.81 -30.38 -9.72
CA LYS A 204 5.09 -31.76 -10.12
C LYS A 204 6.48 -31.89 -10.72
N GLU A 205 6.82 -31.05 -11.69
CA GLU A 205 8.16 -31.15 -12.28
C GLU A 205 9.25 -30.57 -11.40
N LEU A 206 8.91 -29.71 -10.44
CA LEU A 206 9.92 -29.25 -9.49
C LEU A 206 10.32 -30.37 -8.53
N ILE A 207 9.34 -31.06 -7.95
CA ILE A 207 9.67 -32.18 -7.07
C ILE A 207 10.18 -33.38 -7.86
N LYS A 208 9.87 -33.46 -9.16
CA LYS A 208 10.49 -34.47 -10.00
C LYS A 208 11.95 -34.16 -10.30
N TRP A 209 12.36 -32.90 -10.14
CA TRP A 209 13.74 -32.49 -10.31
C TRP A 209 14.46 -32.34 -8.97
N ARG A 210 13.82 -32.77 -7.88
CA ARG A 210 14.35 -32.67 -6.52
C ARG A 210 14.66 -31.22 -6.16
N ALA A 211 13.61 -30.40 -6.13
CA ALA A 211 13.71 -29.01 -5.74
C ALA A 211 13.88 -28.84 -4.23
N ALA A 212 13.69 -29.90 -3.45
CA ALA A 212 13.85 -29.92 -2.00
C ALA A 212 12.87 -28.98 -1.29
N ILE A 213 12.82 -29.07 0.04
CA ILE A 213 11.91 -28.29 0.86
C ILE A 213 12.72 -27.53 1.89
N VAL A 214 12.57 -26.21 1.93
CA VAL A 214 13.28 -25.36 2.87
C VAL A 214 12.29 -24.33 3.42
N VAL A 215 12.51 -23.92 4.66
CA VAL A 215 11.58 -23.04 5.36
C VAL A 215 11.81 -21.60 4.89
N ASN A 216 10.71 -20.86 4.75
CA ASN A 216 10.78 -19.45 4.39
C ASN A 216 11.33 -18.64 5.55
N GLY A 217 11.66 -17.38 5.26
CA GLY A 217 12.07 -16.46 6.31
C GLY A 217 10.99 -16.17 7.32
N HIS A 218 9.72 -16.32 6.94
CA HIS A 218 8.59 -16.15 7.84
C HIS A 218 8.19 -17.44 8.54
N GLY A 219 9.10 -18.41 8.61
CA GLY A 219 8.80 -19.70 9.22
C GLY A 219 7.75 -20.47 8.46
N MET A 220 7.89 -20.53 7.14
CA MET A 220 6.91 -21.15 6.26
C MET A 220 7.58 -22.22 5.41
N THR A 221 7.14 -23.46 5.56
CA THR A 221 7.55 -24.52 4.66
C THR A 221 6.69 -24.44 3.39
N PRO A 222 7.17 -24.97 2.26
CA PRO A 222 6.37 -24.90 1.02
C PRO A 222 4.97 -25.47 1.16
N LEU A 223 4.81 -26.55 1.93
CA LEU A 223 3.49 -27.10 2.16
C LEU A 223 2.61 -26.12 2.93
N LYS A 224 3.18 -25.43 3.93
CA LYS A 224 2.41 -24.43 4.66
C LYS A 224 2.06 -23.24 3.78
N VAL A 225 2.96 -22.85 2.87
CA VAL A 225 2.66 -21.77 1.93
C VAL A 225 1.52 -22.19 1.02
N ALA A 226 1.54 -23.44 0.56
CA ALA A 226 0.46 -23.95 -0.29
C ALA A 226 -0.87 -23.96 0.46
N ALA A 227 -0.86 -24.40 1.72
CA ALA A 227 -2.09 -24.47 2.50
C ALA A 227 -2.59 -23.08 2.89
N GLU A 228 -1.68 -22.10 2.97
CA GLU A 228 -2.05 -20.76 3.41
C GLU A 228 -2.98 -20.08 2.41
N SER A 229 -2.71 -20.23 1.12
CA SER A 229 -3.48 -19.57 0.07
C SER A 229 -4.66 -20.41 -0.41
N CYS A 230 -5.10 -21.38 0.39
CA CYS A 230 -6.28 -22.19 0.15
C CYS A 230 -6.16 -23.09 -1.07
N LYS A 231 -4.94 -23.32 -1.56
CA LYS A 231 -4.74 -24.16 -2.74
C LYS A 231 -4.64 -25.61 -2.29
N ALA A 232 -5.78 -26.31 -2.29
CA ALA A 232 -5.81 -27.68 -1.79
C ALA A 232 -5.24 -28.69 -2.78
N ASP A 233 -5.14 -28.33 -4.06
CA ASP A 233 -4.66 -29.29 -5.05
C ASP A 233 -3.16 -29.53 -4.91
N VAL A 234 -2.39 -28.45 -4.73
CA VAL A 234 -0.94 -28.58 -4.60
C VAL A 234 -0.55 -29.23 -3.27
N VAL A 235 -1.35 -29.04 -2.23
CA VAL A 235 -1.05 -29.62 -0.92
C VAL A 235 -1.07 -31.14 -1.01
N GLU A 236 -2.06 -31.70 -1.71
CA GLU A 236 -2.17 -33.15 -1.83
C GLU A 236 -0.93 -33.75 -2.47
N LEU A 237 -0.32 -33.04 -3.43
CA LEU A 237 0.92 -33.52 -4.05
C LEU A 237 2.07 -33.44 -3.05
N LEU A 238 2.23 -32.30 -2.38
CA LEU A 238 3.32 -32.14 -1.42
C LEU A 238 3.17 -33.04 -0.20
N LEU A 239 1.94 -33.47 0.11
CA LEU A 239 1.74 -34.40 1.21
C LEU A 239 2.17 -35.81 0.86
N SER A 240 2.41 -36.10 -0.42
CA SER A 240 2.77 -37.43 -0.87
C SER A 240 4.26 -37.71 -0.78
N HIS A 241 5.08 -36.75 -0.34
CA HIS A 241 6.51 -36.99 -0.23
C HIS A 241 6.83 -38.01 0.85
N ALA A 242 5.97 -38.14 1.86
CA ALA A 242 6.14 -39.07 2.98
C ALA A 242 7.43 -38.82 3.74
N ASP A 243 7.92 -37.57 3.72
CA ASP A 243 9.05 -37.17 4.54
C ASP A 243 8.75 -35.96 5.41
N CYS A 244 7.55 -35.38 5.31
CA CYS A 244 7.18 -34.23 6.10
C CYS A 244 6.78 -34.58 7.53
N ASP A 245 6.61 -35.87 7.84
CA ASP A 245 6.17 -36.37 9.14
C ASP A 245 4.75 -35.90 9.46
N ARG A 246 4.11 -36.55 10.44
CA ARG A 246 2.73 -36.20 10.78
C ARG A 246 2.63 -34.84 11.46
N ARG A 247 3.74 -34.33 12.01
CA ARG A 247 3.70 -32.99 12.61
C ARG A 247 3.42 -31.91 11.58
N SER A 248 3.91 -32.09 10.35
CA SER A 248 3.61 -31.15 9.27
C SER A 248 2.34 -31.50 8.52
N ARG A 249 1.98 -32.79 8.48
CA ARG A 249 0.73 -33.18 7.82
C ARG A 249 -0.48 -32.59 8.52
N ILE A 250 -0.59 -32.82 9.83
CA ILE A 250 -1.71 -32.26 10.61
C ILE A 250 -1.59 -30.77 10.81
N GLU A 251 -0.42 -30.18 10.51
CA GLU A 251 -0.28 -28.74 10.52
C GLU A 251 -0.84 -28.12 9.24
N ALA A 252 -0.43 -28.66 8.09
CA ALA A 252 -0.90 -28.14 6.81
C ALA A 252 -2.40 -28.39 6.62
N LEU A 253 -2.88 -29.55 7.06
CA LEU A 253 -4.30 -29.85 6.92
C LEU A 253 -5.14 -28.86 7.72
N GLU A 254 -4.77 -28.62 8.98
CA GLU A 254 -5.46 -27.62 9.77
C GLU A 254 -5.32 -26.23 9.17
N LEU A 255 -4.14 -25.91 8.63
CA LEU A 255 -3.91 -24.58 8.08
C LEU A 255 -4.83 -24.30 6.91
N LEU A 256 -4.94 -25.24 5.96
CA LEU A 256 -5.80 -24.96 4.82
C LEU A 256 -7.28 -25.13 5.16
N GLY A 257 -7.62 -26.07 6.05
CA GLY A 257 -9.01 -26.18 6.48
C GLY A 257 -9.46 -24.96 7.26
N ALA A 258 -8.52 -24.22 7.83
CA ALA A 258 -8.83 -22.94 8.43
C ALA A 258 -8.83 -21.82 7.42
N SER A 259 -7.97 -21.90 6.40
CA SER A 259 -7.86 -20.84 5.42
C SER A 259 -9.09 -20.80 4.51
N PHE A 260 -9.68 -21.96 4.22
CA PHE A 260 -10.82 -21.99 3.31
C PHE A 260 -12.00 -21.18 3.83
N ALA A 261 -12.27 -21.25 5.13
CA ALA A 261 -13.43 -20.57 5.69
C ALA A 261 -13.28 -19.06 5.62
N ASN A 262 -12.14 -18.54 6.09
CA ASN A 262 -11.93 -17.09 6.20
C ASN A 262 -11.12 -16.56 5.02
N ASP A 263 -11.63 -16.77 3.80
CA ASP A 263 -10.93 -16.33 2.61
C ASP A 263 -11.92 -15.69 1.64
N ARG A 264 -11.40 -14.82 0.77
CA ARG A 264 -12.27 -14.04 -0.10
C ARG A 264 -12.74 -14.84 -1.31
N GLU A 265 -11.80 -15.30 -2.13
CA GLU A 265 -12.15 -15.95 -3.39
C GLU A 265 -12.83 -17.29 -3.19
N ASN A 266 -12.07 -18.29 -2.76
CA ASN A 266 -12.57 -19.66 -2.65
C ASN A 266 -13.03 -19.95 -1.22
N TYR A 267 -14.05 -19.21 -0.81
CA TYR A 267 -14.72 -19.43 0.47
C TYR A 267 -15.68 -20.60 0.33
N ASP A 268 -15.44 -21.68 1.07
CA ASP A 268 -16.28 -22.86 1.01
C ASP A 268 -16.37 -23.48 2.40
N ILE A 269 -17.57 -23.48 2.98
CA ILE A 269 -17.80 -24.15 4.25
C ILE A 269 -17.67 -25.65 4.09
N ILE A 270 -18.15 -26.20 2.98
CA ILE A 270 -18.07 -27.65 2.76
C ILE A 270 -16.62 -28.09 2.64
N LYS A 271 -15.76 -27.25 2.03
CA LYS A 271 -14.34 -27.53 1.92
C LYS A 271 -13.56 -27.02 3.12
N THR A 272 -14.23 -26.84 4.26
CA THR A 272 -13.58 -26.45 5.51
C THR A 272 -13.70 -27.53 6.58
N TYR A 273 -14.91 -28.00 6.84
CA TYR A 273 -15.10 -29.07 7.82
C TYR A 273 -14.40 -30.35 7.37
N HIS A 274 -14.42 -30.63 6.07
CA HIS A 274 -13.80 -31.86 5.57
C HIS A 274 -12.31 -31.87 5.88
N TYR A 275 -11.63 -30.77 5.60
CA TYR A 275 -10.19 -30.72 5.85
C TYR A 275 -9.88 -30.63 7.34
N LEU A 276 -10.73 -29.96 8.13
CA LEU A 276 -10.50 -29.95 9.58
C LEU A 276 -10.65 -31.35 10.18
N TYR A 277 -11.65 -32.12 9.71
CA TYR A 277 -11.81 -33.48 10.19
C TYR A 277 -10.65 -34.36 9.74
N LEU A 278 -10.23 -34.23 8.49
CA LEU A 278 -9.06 -34.97 8.01
C LEU A 278 -7.81 -34.59 8.80
N ALA A 279 -7.78 -33.38 9.34
CA ALA A 279 -6.64 -32.94 10.13
C ALA A 279 -6.65 -33.58 11.52
N MET A 280 -7.77 -33.46 12.24
CA MET A 280 -7.80 -33.95 13.61
C MET A 280 -7.79 -35.47 13.66
N LEU A 281 -8.45 -36.15 12.70
CA LEU A 281 -8.51 -37.60 12.71
C LEU A 281 -7.13 -38.23 12.61
N GLU A 282 -6.17 -37.52 12.03
CA GLU A 282 -4.81 -38.03 11.94
C GLU A 282 -4.19 -38.20 13.33
N ARG A 283 -4.51 -37.31 14.27
CA ARG A 283 -3.92 -37.36 15.59
C ARG A 283 -4.85 -37.90 16.67
N PHE A 284 -6.13 -38.11 16.37
CA PHE A 284 -7.05 -38.69 17.35
C PHE A 284 -7.41 -40.14 17.04
N GLN A 285 -6.67 -40.82 16.17
CA GLN A 285 -6.76 -42.28 16.07
C GLN A 285 -5.39 -42.81 15.67
N ASP A 286 -4.60 -43.20 16.68
CA ASP A 286 -3.32 -43.86 16.45
C ASP A 286 -3.04 -45.02 17.39
N GLY A 287 -3.68 -45.08 18.56
CA GLY A 287 -3.32 -46.02 19.60
C GLY A 287 -2.96 -45.29 20.89
N ASP A 288 -1.95 -45.80 21.58
CA ASP A 288 -1.43 -45.09 22.75
C ASP A 288 -0.26 -44.18 22.36
N ASN A 289 -0.46 -43.43 21.27
CA ASN A 289 0.49 -42.41 20.85
C ASN A 289 -0.23 -41.20 20.26
N ILE A 290 -1.46 -40.93 20.70
CA ILE A 290 -2.26 -39.87 20.10
C ILE A 290 -1.62 -38.52 20.37
N LEU A 291 -1.76 -37.61 19.41
CA LEU A 291 -1.18 -36.28 19.49
C LEU A 291 -2.29 -35.28 19.79
N GLU A 292 -2.07 -34.45 20.79
CA GLU A 292 -2.98 -33.38 21.15
C GLU A 292 -2.33 -32.04 20.82
N LYS A 293 -3.12 -31.10 20.33
CA LYS A 293 -2.58 -29.82 19.90
C LYS A 293 -2.07 -29.03 21.09
N GLU A 294 -1.17 -28.09 20.82
CA GLU A 294 -0.70 -27.18 21.86
C GLU A 294 -1.82 -26.23 22.26
N VAL A 295 -1.86 -25.89 23.55
CA VAL A 295 -2.94 -25.09 24.08
C VAL A 295 -2.88 -23.67 23.52
N LEU A 296 -4.05 -23.06 23.38
CA LEU A 296 -4.16 -21.68 22.94
C LEU A 296 -5.10 -20.96 23.89
N PRO A 297 -4.70 -19.81 24.45
CA PRO A 297 -5.58 -19.09 25.35
C PRO A 297 -6.81 -18.60 24.60
N PRO A 298 -7.95 -18.49 25.28
CA PRO A 298 -9.17 -18.06 24.60
C PRO A 298 -9.11 -16.59 24.22
N ILE A 299 -8.93 -16.32 22.94
CA ILE A 299 -8.80 -14.95 22.46
C ILE A 299 -10.18 -14.31 22.45
N HIS A 300 -10.27 -13.10 23.01
CA HIS A 300 -11.56 -12.43 23.15
C HIS A 300 -12.17 -12.07 21.80
N ALA A 301 -11.33 -11.89 20.78
CA ALA A 301 -11.83 -11.47 19.48
C ALA A 301 -12.72 -12.54 18.85
N TYR A 302 -12.32 -13.80 18.95
CA TYR A 302 -13.05 -14.89 18.31
C TYR A 302 -14.10 -15.49 19.23
N GLY A 303 -14.94 -14.63 19.80
CA GLY A 303 -16.08 -15.09 20.59
C GLY A 303 -15.73 -15.94 21.78
N ASN A 304 -14.50 -15.82 22.30
CA ASN A 304 -14.02 -16.64 23.41
C ASN A 304 -14.14 -18.13 23.11
N ARG A 305 -13.91 -18.49 21.85
CA ARG A 305 -13.90 -19.88 21.44
C ARG A 305 -12.48 -20.43 21.61
N THR A 306 -12.34 -21.49 22.40
CA THR A 306 -11.05 -22.10 22.69
C THR A 306 -10.66 -23.13 21.66
N GLU A 307 -11.19 -23.04 20.44
CA GLU A 307 -11.02 -24.03 19.38
C GLU A 307 -11.58 -25.38 19.80
N CYS A 308 -11.53 -26.37 18.92
CA CYS A 308 -12.11 -27.67 19.19
C CYS A 308 -11.03 -28.74 19.03
N ARG A 309 -10.82 -29.52 20.09
CA ARG A 309 -9.81 -30.58 20.12
C ARG A 309 -10.45 -31.95 20.36
N ASN A 310 -11.66 -32.15 19.85
CA ASN A 310 -12.34 -33.42 19.99
C ASN A 310 -13.09 -33.74 18.70
N PRO A 311 -13.24 -35.02 18.38
CA PRO A 311 -14.13 -35.37 17.26
C PRO A 311 -15.58 -34.96 17.51
N GLN A 312 -16.04 -35.04 18.76
CA GLN A 312 -17.39 -34.59 19.06
C GLN A 312 -17.48 -33.07 19.03
N GLU A 313 -16.42 -32.40 19.48
CA GLU A 313 -16.41 -30.93 19.46
C GLU A 313 -16.39 -30.39 18.03
N LEU A 314 -15.60 -31.00 17.15
CA LEU A 314 -15.56 -30.54 15.77
C LEU A 314 -16.86 -30.88 15.04
N GLU A 315 -17.45 -32.04 15.35
CA GLU A 315 -18.73 -32.40 14.75
C GLU A 315 -19.82 -31.41 15.14
N SER A 316 -19.68 -30.75 16.28
CA SER A 316 -20.62 -29.74 16.71
C SER A 316 -20.51 -28.45 15.90
N ILE A 317 -19.48 -28.30 15.06
CA ILE A 317 -19.31 -27.08 14.30
C ILE A 317 -19.89 -27.20 12.89
N ARG A 318 -20.16 -28.41 12.40
CA ARG A 318 -20.76 -28.54 11.09
C ARG A 318 -22.27 -28.34 11.15
N GLN A 319 -22.69 -27.31 11.87
CA GLN A 319 -24.06 -26.82 11.82
C GLN A 319 -24.11 -25.30 11.89
N ASP A 320 -22.96 -24.64 12.08
CA ASP A 320 -22.89 -23.21 12.36
C ASP A 320 -21.80 -22.61 11.49
N ARG A 321 -22.19 -22.02 10.36
CA ARG A 321 -21.23 -21.32 9.53
C ARG A 321 -20.68 -20.08 10.21
N ASP A 322 -21.37 -19.57 11.24
CA ASP A 322 -20.85 -18.46 12.02
C ASP A 322 -19.73 -18.89 12.95
N ALA A 323 -19.66 -20.16 13.30
CA ALA A 323 -18.62 -20.67 14.18
C ALA A 323 -17.43 -21.24 13.42
N LEU A 324 -17.64 -21.77 12.21
CA LEU A 324 -16.53 -22.28 11.43
C LEU A 324 -15.58 -21.17 11.02
N HIS A 325 -16.10 -19.96 10.78
CA HIS A 325 -15.23 -18.84 10.45
C HIS A 325 -14.31 -18.49 11.62
N MET A 326 -14.88 -18.42 12.82
CA MET A 326 -14.07 -18.14 14.00
C MET A 326 -13.08 -19.26 14.26
N GLU A 327 -13.50 -20.52 14.06
CA GLU A 327 -12.58 -21.63 14.24
C GLU A 327 -11.44 -21.58 13.24
N GLY A 328 -11.74 -21.20 11.99
CA GLY A 328 -10.69 -21.02 11.00
C GLY A 328 -9.72 -19.92 11.38
N LEU A 329 -10.24 -18.80 11.88
CA LEU A 329 -9.37 -17.73 12.36
C LEU A 329 -8.47 -18.22 13.49
N ILE A 330 -9.04 -18.99 14.43
CA ILE A 330 -8.28 -19.47 15.57
C ILE A 330 -7.17 -20.41 15.12
N VAL A 331 -7.50 -21.37 14.24
CA VAL A 331 -6.51 -22.33 13.77
C VAL A 331 -5.42 -21.63 12.96
N ARG A 332 -5.80 -20.69 12.09
CA ARG A 332 -4.82 -19.97 11.30
C ARG A 332 -3.86 -19.18 12.20
N GLU A 333 -4.40 -18.49 13.21
CA GLU A 333 -3.52 -17.76 14.11
C GLU A 333 -2.66 -18.68 14.95
N ARG A 334 -3.17 -19.86 15.32
CA ARG A 334 -2.36 -20.81 16.09
C ARG A 334 -1.21 -21.39 15.29
N ILE A 335 -1.42 -21.62 14.00
CA ILE A 335 -0.38 -22.25 13.18
C ILE A 335 0.50 -21.21 12.50
N LEU A 336 -0.10 -20.22 11.84
CA LEU A 336 0.68 -19.24 11.10
C LEU A 336 1.45 -18.30 12.00
N GLY A 337 1.15 -18.28 13.30
CA GLY A 337 1.80 -17.38 14.22
C GLY A 337 1.12 -16.02 14.28
N ALA A 338 1.47 -15.26 15.32
CA ALA A 338 0.93 -13.93 15.52
C ALA A 338 1.76 -12.84 14.87
N ASP A 339 2.82 -13.20 14.14
CA ASP A 339 3.69 -12.23 13.49
C ASP A 339 3.78 -12.41 11.98
N ASN A 340 3.03 -13.34 11.40
CA ASN A 340 3.09 -13.54 9.96
C ASN A 340 2.38 -12.40 9.24
N ILE A 341 2.79 -12.18 8.00
CA ILE A 341 2.26 -11.06 7.22
C ILE A 341 0.81 -11.32 6.83
N ASP A 342 0.49 -12.55 6.45
CA ASP A 342 -0.81 -12.88 5.87
C ASP A 342 -1.81 -13.39 6.89
N VAL A 343 -1.47 -13.41 8.17
CA VAL A 343 -2.44 -13.83 9.19
C VAL A 343 -3.48 -12.74 9.43
N SER A 344 -3.18 -11.50 9.07
CA SER A 344 -4.10 -10.39 9.34
C SER A 344 -5.27 -10.37 8.37
N HIS A 345 -5.02 -10.66 7.09
CA HIS A 345 -6.05 -10.48 6.07
C HIS A 345 -7.31 -11.32 6.28
N PRO A 346 -7.26 -12.60 6.65
CA PRO A 346 -8.52 -13.31 6.95
C PRO A 346 -9.35 -12.67 8.05
N ILE A 347 -8.70 -12.14 9.09
CA ILE A 347 -9.44 -11.49 10.17
C ILE A 347 -10.16 -10.26 9.65
N ILE A 348 -9.47 -9.46 8.83
CA ILE A 348 -10.10 -8.26 8.29
C ILE A 348 -11.23 -8.61 7.34
N TYR A 349 -11.07 -9.68 6.55
CA TYR A 349 -12.14 -10.07 5.64
C TYR A 349 -13.36 -10.57 6.41
N ARG A 350 -13.14 -11.35 7.47
CA ARG A 350 -14.28 -11.82 8.27
C ARG A 350 -14.98 -10.66 8.95
N GLY A 351 -14.21 -9.70 9.47
CA GLY A 351 -14.82 -8.50 10.03
C GLY A 351 -15.59 -7.70 8.99
N ALA A 352 -15.07 -7.64 7.76
CA ALA A 352 -15.77 -6.95 6.70
C ALA A 352 -17.09 -7.64 6.35
N VAL A 353 -17.10 -8.97 6.36
CA VAL A 353 -18.33 -9.71 6.12
C VAL A 353 -19.33 -9.44 7.24
N TYR A 354 -18.85 -9.41 8.49
CA TYR A 354 -19.74 -9.11 9.61
C TYR A 354 -20.30 -7.69 9.50
N ALA A 355 -19.49 -6.75 9.03
CA ALA A 355 -19.97 -5.39 8.82
C ALA A 355 -21.00 -5.33 7.71
N ASP A 356 -20.77 -6.07 6.62
CA ASP A 356 -21.72 -6.10 5.51
C ASP A 356 -23.03 -6.77 5.91
N ASN A 357 -23.01 -7.64 6.92
CA ASN A 357 -24.23 -8.21 7.47
C ASN A 357 -24.84 -7.32 8.55
N MET A 358 -24.37 -6.08 8.68
CA MET A 358 -24.81 -5.11 9.69
C MET A 358 -24.58 -5.60 11.11
N GLU A 359 -23.69 -6.57 11.30
CA GLU A 359 -23.28 -7.02 12.62
C GLU A 359 -21.94 -6.36 12.94
N PHE A 360 -21.99 -5.07 13.26
CA PHE A 360 -20.77 -4.31 13.51
C PHE A 360 -20.13 -4.64 14.84
N GLU A 361 -20.88 -5.26 15.76
CA GLU A 361 -20.36 -5.53 17.10
C GLU A 361 -19.17 -6.49 17.05
N GLN A 362 -19.26 -7.55 16.24
CA GLN A 362 -18.14 -8.46 16.07
C GLN A 362 -17.15 -7.97 15.03
N CYS A 363 -17.58 -7.14 14.09
CA CYS A 363 -16.64 -6.54 13.14
C CYS A 363 -15.62 -5.67 13.88
N ILE A 364 -16.07 -4.89 14.85
CA ILE A 364 -15.17 -4.05 15.62
C ILE A 364 -14.16 -4.90 16.37
N LYS A 365 -14.62 -5.99 16.99
CA LYS A 365 -13.72 -6.87 17.74
C LYS A 365 -12.67 -7.50 16.83
N LEU A 366 -13.11 -8.09 15.72
CA LEU A 366 -12.18 -8.76 14.81
C LEU A 366 -11.19 -7.77 14.22
N TRP A 367 -11.66 -6.59 13.83
CA TRP A 367 -10.75 -5.62 13.23
C TRP A 367 -9.81 -5.01 14.25
N LEU A 368 -10.25 -4.87 15.50
CA LEU A 368 -9.33 -4.42 16.55
C LEU A 368 -8.23 -5.45 16.78
N HIS A 369 -8.58 -6.73 16.77
CA HIS A 369 -7.55 -7.75 16.89
C HIS A 369 -6.59 -7.72 15.70
N ALA A 370 -7.13 -7.55 14.49
CA ALA A 370 -6.28 -7.48 13.31
C ALA A 370 -5.36 -6.26 13.36
N LEU A 371 -5.88 -5.13 13.81
CA LEU A 371 -5.07 -3.92 13.93
C LEU A 371 -3.98 -4.09 14.96
N HIS A 372 -4.29 -4.73 16.10
CA HIS A 372 -3.26 -4.99 17.10
C HIS A 372 -2.17 -5.90 16.55
N LEU A 373 -2.56 -6.94 15.82
CA LEU A 373 -1.59 -7.84 15.22
C LEU A 373 -0.72 -7.12 14.19
N ARG A 374 -1.32 -6.26 13.38
CA ARG A 374 -0.56 -5.53 12.38
C ARG A 374 0.38 -4.51 13.01
N GLN A 375 -0.07 -3.82 14.05
CA GLN A 375 0.76 -2.81 14.68
C GLN A 375 1.87 -3.42 15.52
N LYS A 376 1.67 -4.60 16.07
CA LYS A 376 2.78 -5.32 16.69
C LYS A 376 3.49 -6.22 15.68
N GLY A 377 3.77 -5.64 14.52
CA GLY A 377 4.59 -6.27 13.50
C GLY A 377 5.33 -5.22 12.71
N ASN A 378 5.21 -3.97 13.15
CA ASN A 378 5.75 -2.80 12.45
C ASN A 378 5.26 -2.74 11.01
N ARG A 379 3.98 -3.03 10.81
CA ARG A 379 3.37 -2.99 9.50
C ARG A 379 2.75 -1.62 9.24
N ASN A 380 2.37 -1.39 7.98
CA ASN A 380 1.81 -0.10 7.55
C ASN A 380 0.30 -0.15 7.73
N THR A 381 -0.17 0.32 8.89
CA THR A 381 -1.60 0.39 9.16
C THR A 381 -2.17 1.76 8.81
N HIS A 382 -1.91 2.23 7.60
CA HIS A 382 -2.46 3.50 7.14
C HIS A 382 -3.80 3.33 6.43
N LYS A 383 -4.25 2.10 6.23
CA LYS A 383 -5.57 1.82 5.66
C LYS A 383 -6.51 1.16 6.64
N ASP A 384 -6.00 0.43 7.64
CA ASP A 384 -6.85 -0.18 8.64
C ASP A 384 -7.57 0.87 9.47
N LEU A 385 -6.88 1.96 9.81
CA LEU A 385 -7.54 3.06 10.52
C LEU A 385 -8.60 3.71 9.66
N LEU A 386 -8.37 3.79 8.34
CA LEU A 386 -9.40 4.29 7.43
C LEU A 386 -10.62 3.38 7.42
N ARG A 387 -10.40 2.07 7.45
CA ARG A 387 -11.51 1.14 7.48
C ARG A 387 -12.26 1.20 8.81
N PHE A 388 -11.54 1.44 9.91
CA PHE A 388 -12.20 1.71 11.18
C PHE A 388 -13.05 2.98 11.12
N ALA A 389 -12.51 4.04 10.51
CA ALA A 389 -13.28 5.27 10.37
C ALA A 389 -14.54 5.04 9.54
N GLN A 390 -14.43 4.25 8.48
CA GLN A 390 -15.59 3.93 7.66
C GLN A 390 -16.63 3.11 8.42
N VAL A 391 -16.19 2.12 9.19
CA VAL A 391 -17.14 1.34 10.00
C VAL A 391 -17.81 2.22 11.04
N PHE A 392 -17.04 3.08 11.71
CA PHE A 392 -17.61 3.94 12.73
C PHE A 392 -18.60 4.93 12.13
N SER A 393 -18.28 5.49 10.96
CA SER A 393 -19.20 6.39 10.29
C SER A 393 -20.47 5.68 9.84
N GLN A 394 -20.36 4.45 9.35
CA GLN A 394 -21.56 3.69 8.99
C GLN A 394 -22.39 3.36 10.22
N MET A 395 -21.74 3.09 11.36
CA MET A 395 -22.47 2.81 12.60
C MET A 395 -23.21 4.04 13.08
N ILE A 396 -22.54 5.18 13.13
CA ILE A 396 -23.18 6.44 13.52
C ILE A 396 -24.28 6.85 12.56
N HIS A 397 -24.09 6.61 11.26
CA HIS A 397 -25.06 7.04 10.26
C HIS A 397 -26.40 6.32 10.38
N LEU A 398 -26.41 5.01 10.65
CA LEU A 398 -27.68 4.29 10.52
C LEU A 398 -28.59 4.56 11.71
N ASN A 399 -28.30 3.95 12.87
CA ASN A 399 -28.87 4.39 14.13
C ASN A 399 -27.93 4.07 15.28
N GLU A 400 -26.80 3.45 14.99
CA GLU A 400 -26.05 2.70 15.99
C GLU A 400 -25.09 3.59 16.76
N THR A 401 -24.95 3.31 18.04
CA THR A 401 -24.04 4.03 18.91
C THR A 401 -22.77 3.20 19.11
N VAL A 402 -21.64 3.74 18.70
CA VAL A 402 -20.37 3.03 18.85
C VAL A 402 -19.95 3.02 20.31
N LYS A 403 -19.33 1.93 20.74
CA LYS A 403 -18.79 1.87 22.08
C LYS A 403 -17.59 2.80 22.19
N ALA A 404 -17.46 3.40 23.38
CA ALA A 404 -16.36 4.32 23.65
C ALA A 404 -15.01 3.62 23.83
N PRO A 405 -14.94 2.42 24.44
CA PRO A 405 -13.66 1.70 24.41
C PRO A 405 -13.16 1.40 23.00
N ASP A 406 -14.06 1.18 22.04
CA ASP A 406 -13.63 0.96 20.67
C ASP A 406 -12.93 2.19 20.10
N ILE A 407 -13.52 3.37 20.29
CA ILE A 407 -12.91 4.60 19.81
C ILE A 407 -11.61 4.86 20.57
N GLU A 408 -11.57 4.57 21.87
CA GLU A 408 -10.34 4.72 22.63
C GLU A 408 -9.22 3.87 22.06
N CYS A 409 -9.50 2.59 21.80
CA CYS A 409 -8.48 1.70 21.27
C CYS A 409 -8.02 2.13 19.88
N VAL A 410 -8.97 2.51 19.03
CA VAL A 410 -8.59 2.89 17.67
C VAL A 410 -7.81 4.21 17.68
N LEU A 411 -8.17 5.14 18.56
CA LEU A 411 -7.44 6.39 18.66
C LEU A 411 -6.03 6.18 19.19
N ARG A 412 -5.87 5.29 20.18
CA ARG A 412 -4.54 4.98 20.69
C ARG A 412 -3.68 4.35 19.60
N CYS A 413 -4.25 3.40 18.86
CA CYS A 413 -3.52 2.81 17.75
C CYS A 413 -3.22 3.85 16.67
N SER A 414 -4.11 4.84 16.51
CA SER A 414 -3.90 5.86 15.48
C SER A 414 -2.75 6.80 15.86
N VAL A 415 -2.67 7.21 17.13
CA VAL A 415 -1.57 8.06 17.53
C VAL A 415 -0.26 7.28 17.48
N LEU A 416 -0.29 5.99 17.83
CA LEU A 416 0.91 5.16 17.69
C LEU A 416 1.35 5.06 16.23
N GLU A 417 0.39 4.85 15.32
CA GLU A 417 0.71 4.73 13.91
C GLU A 417 1.21 6.06 13.34
N ILE A 418 0.66 7.18 13.80
CA ILE A 418 1.11 8.47 13.29
C ILE A 418 2.51 8.79 13.80
N GLU A 419 2.80 8.45 15.07
CA GLU A 419 4.16 8.58 15.56
C GLU A 419 5.13 7.71 14.76
N GLN A 420 4.72 6.47 14.46
CA GLN A 420 5.55 5.59 13.65
C GLN A 420 5.76 6.17 12.25
N SER A 421 4.71 6.73 11.66
CA SER A 421 4.82 7.31 10.32
C SER A 421 5.75 8.51 10.32
N MET A 422 5.69 9.33 11.38
CA MET A 422 6.67 10.41 11.53
C MET A 422 8.08 9.87 11.62
N ASN A 423 8.26 8.76 12.35
CA ASN A 423 9.59 8.15 12.44
C ASN A 423 10.08 7.67 11.08
N ARG A 424 9.22 7.00 10.30
CA ARG A 424 9.61 6.57 8.96
C ARG A 424 9.91 7.75 8.04
N VAL A 425 9.13 8.81 8.12
CA VAL A 425 9.39 9.98 7.28
C VAL A 425 10.72 10.62 7.65
N LYS A 426 11.01 10.73 8.95
CA LYS A 426 12.26 11.34 9.38
C LYS A 426 13.45 10.43 9.12
N ASN A 427 13.24 9.12 9.03
CA ASN A 427 14.34 8.16 8.90
C ASN A 427 14.42 7.54 7.52
N ILE A 428 14.00 8.25 6.48
CA ILE A 428 14.06 7.73 5.11
C ILE A 428 14.62 8.83 4.20
N SER A 429 15.22 8.39 3.09
CA SER A 429 15.74 9.29 2.07
C SER A 429 14.66 9.51 1.01
N ASP A 430 14.96 10.39 0.06
CA ASP A 430 13.99 10.82 -0.96
C ASP A 430 13.60 9.72 -1.93
N ALA A 431 14.11 8.50 -1.78
CA ALA A 431 13.70 7.41 -2.65
C ALA A 431 12.22 7.08 -2.47
N ASP A 432 11.73 7.14 -1.23
CA ASP A 432 10.33 6.82 -0.95
C ASP A 432 9.69 7.84 -0.01
N VAL A 433 10.17 9.08 -0.04
CA VAL A 433 9.55 10.13 0.77
C VAL A 433 8.14 10.42 0.30
N HIS A 434 7.88 10.35 -1.00
CA HIS A 434 6.55 10.67 -1.53
C HIS A 434 5.49 9.73 -0.97
N ASN A 435 5.70 8.42 -1.09
CA ASN A 435 4.71 7.46 -0.61
C ASN A 435 4.60 7.49 0.91
N ALA A 436 5.74 7.63 1.61
CA ALA A 436 5.71 7.67 3.07
C ALA A 436 4.95 8.89 3.57
N MET A 437 5.16 10.05 2.94
CA MET A 437 4.44 11.25 3.33
C MET A 437 2.96 11.18 2.94
N ASP A 438 2.64 10.52 1.83
CA ASP A 438 1.24 10.31 1.48
C ASP A 438 0.56 9.44 2.53
N ASN A 439 1.23 8.37 2.97
CA ASN A 439 0.68 7.54 4.05
C ASN A 439 0.58 8.31 5.35
N TYR A 440 1.54 9.20 5.62
CA TYR A 440 1.49 10.03 6.83
C TYR A 440 0.28 10.95 6.81
N GLU A 441 0.03 11.60 5.67
CA GLU A 441 -1.13 12.47 5.55
C GLU A 441 -2.43 11.65 5.64
N CYS A 442 -2.44 10.45 5.06
CA CYS A 442 -3.61 9.59 5.19
C CYS A 442 -3.86 9.21 6.64
N ASN A 443 -2.80 8.90 7.39
CA ASN A 443 -2.95 8.58 8.80
C ASN A 443 -3.49 9.77 9.60
N LEU A 444 -2.99 10.97 9.30
CA LEU A 444 -3.49 12.16 9.96
C LEU A 444 -4.96 12.38 9.66
N TYR A 445 -5.36 12.20 8.40
CA TYR A 445 -6.76 12.37 8.04
C TYR A 445 -7.65 11.32 8.71
N THR A 446 -7.17 10.08 8.81
CA THR A 446 -7.93 9.05 9.49
C THR A 446 -8.09 9.36 10.97
N PHE A 447 -7.03 9.89 11.60
CA PHE A 447 -7.16 10.31 12.99
C PHE A 447 -8.19 11.42 13.13
N LEU A 448 -8.21 12.36 12.18
CA LEU A 448 -9.20 13.43 12.24
C LEU A 448 -10.62 12.90 12.08
N TYR A 449 -10.80 11.92 11.18
CA TYR A 449 -12.12 11.31 11.03
C TYR A 449 -12.52 10.59 12.31
N LEU A 450 -11.58 9.91 12.96
CA LEU A 450 -11.88 9.24 14.22
C LEU A 450 -12.25 10.24 15.30
N VAL A 451 -11.57 11.38 15.36
CA VAL A 451 -11.92 12.42 16.31
C VAL A 451 -13.32 12.95 16.03
N CYS A 452 -13.65 13.14 14.75
CA CYS A 452 -14.98 13.63 14.39
C CYS A 452 -16.07 12.62 14.78
N ILE A 453 -15.77 11.34 14.63
CA ILE A 453 -16.70 10.30 15.08
C ILE A 453 -16.83 10.32 16.60
N SER A 454 -15.70 10.54 17.29
CA SER A 454 -15.72 10.58 18.76
C SER A 454 -16.55 11.74 19.27
N THR A 455 -16.50 12.89 18.59
CA THR A 455 -17.28 14.04 19.01
C THR A 455 -18.78 13.77 18.93
N LYS A 456 -19.20 13.02 17.92
CA LYS A 456 -20.61 12.72 17.69
C LYS A 456 -21.05 11.43 18.38
N THR A 457 -20.38 11.05 19.47
CA THR A 457 -20.74 9.85 20.23
C THR A 457 -20.77 10.21 21.70
N GLN A 458 -21.95 10.07 22.31
CA GLN A 458 -22.08 10.37 23.73
C GLN A 458 -21.47 9.24 24.56
N CYS A 459 -20.66 9.62 25.55
CA CYS A 459 -19.99 8.65 26.40
C CYS A 459 -19.77 9.26 27.77
N SER A 460 -19.48 8.39 28.74
CA SER A 460 -19.34 8.82 30.12
C SER A 460 -18.09 9.68 30.30
N GLU A 461 -17.92 10.22 31.51
CA GLU A 461 -16.83 11.14 31.79
C GLU A 461 -15.47 10.45 31.66
N GLU A 462 -15.36 9.22 32.15
CA GLU A 462 -14.08 8.50 32.06
C GLU A 462 -13.70 8.23 30.61
N ASP A 463 -14.68 7.85 29.79
CA ASP A 463 -14.41 7.59 28.38
C ASP A 463 -13.95 8.86 27.67
N GLN A 464 -14.61 9.99 27.95
CA GLN A 464 -14.20 11.25 27.35
C GLN A 464 -12.82 11.66 27.82
N CYS A 465 -12.48 11.41 29.08
CA CYS A 465 -11.14 11.69 29.56
C CYS A 465 -10.10 10.85 28.85
N LYS A 466 -10.40 9.56 28.63
CA LYS A 466 -9.47 8.70 27.91
C LYS A 466 -9.27 9.16 26.47
N ILE A 467 -10.37 9.49 25.79
CA ILE A 467 -10.27 9.95 24.41
C ILE A 467 -9.51 11.28 24.33
N ASN A 468 -9.77 12.18 25.28
CA ASN A 468 -9.07 13.46 25.31
C ASN A 468 -7.58 13.26 25.56
N LYS A 469 -7.22 12.30 26.42
CA LYS A 469 -5.80 12.01 26.62
C LYS A 469 -5.16 11.48 25.35
N GLN A 470 -5.86 10.59 24.64
CA GLN A 470 -5.30 10.04 23.40
C GLN A 470 -5.13 11.13 22.35
N ILE A 471 -6.06 12.09 22.29
CA ILE A 471 -5.91 13.21 21.37
C ILE A 471 -4.78 14.13 21.82
N TYR A 472 -4.67 14.35 23.13
CA TYR A 472 -3.67 15.26 23.69
C TYR A 472 -2.26 14.77 23.40
N ASN A 473 -2.06 13.45 23.41
CA ASN A 473 -0.75 12.90 23.09
C ASN A 473 -0.33 13.27 21.67
N LEU A 474 -1.24 13.13 20.71
CA LEU A 474 -0.91 13.46 19.33
C LEU A 474 -0.78 14.97 19.14
N ILE A 475 -1.56 15.75 19.88
CA ILE A 475 -1.41 17.21 19.85
C ILE A 475 -0.01 17.61 20.29
N HIS A 476 0.47 17.03 21.39
CA HIS A 476 1.83 17.32 21.84
C HIS A 476 2.89 16.72 20.93
N LEU A 477 2.55 15.69 20.14
CA LEU A 477 3.48 15.19 19.15
C LEU A 477 3.70 16.17 18.01
N ASP A 478 2.78 17.13 17.82
CA ASP A 478 2.87 18.19 16.82
C ASP A 478 3.02 17.65 15.40
N PRO A 479 1.97 17.06 14.83
CA PRO A 479 2.06 16.56 13.46
C PRO A 479 1.73 17.63 12.43
N ARG A 480 2.41 17.55 11.30
CA ARG A 480 2.25 18.53 10.23
C ARG A 480 2.30 17.83 8.88
N THR A 481 1.42 18.24 7.97
CA THR A 481 1.37 17.69 6.62
C THR A 481 2.49 18.29 5.77
N ARG A 482 2.47 18.02 4.47
CA ARG A 482 3.54 18.51 3.60
C ARG A 482 3.44 20.02 3.39
N GLU A 483 2.24 20.59 3.49
CA GLU A 483 2.04 22.02 3.32
C GLU A 483 1.99 22.76 4.66
N GLY A 484 2.41 22.12 5.74
CA GLY A 484 2.51 22.77 7.02
C GLY A 484 1.27 22.72 7.88
N PHE A 485 0.16 22.20 7.38
CA PHE A 485 -1.06 22.16 8.16
C PHE A 485 -0.89 21.24 9.37
N THR A 486 -1.19 21.78 10.55
CA THR A 486 -1.12 20.99 11.77
C THR A 486 -2.39 20.14 11.90
N LEU A 487 -2.60 19.54 13.06
CA LEU A 487 -3.80 18.75 13.27
C LEU A 487 -5.02 19.62 13.51
N LEU A 488 -4.83 20.91 13.77
CA LEU A 488 -5.92 21.87 13.91
C LEU A 488 -6.23 22.62 12.63
N HIS A 489 -5.23 22.88 11.78
CA HIS A 489 -5.48 23.56 10.53
C HIS A 489 -6.39 22.75 9.61
N LEU A 490 -6.25 21.43 9.64
CA LEU A 490 -7.10 20.58 8.82
C LEU A 490 -8.52 20.49 9.38
N ALA A 491 -8.68 20.58 10.69
CA ALA A 491 -10.01 20.53 11.29
C ALA A 491 -10.82 21.78 11.01
N VAL A 492 -10.18 22.86 10.56
CA VAL A 492 -10.90 24.06 10.13
C VAL A 492 -10.89 24.24 8.63
N ASN A 493 -10.05 23.50 7.90
CA ASN A 493 -9.96 23.64 6.46
C ASN A 493 -11.05 22.83 5.77
N SER A 494 -11.76 23.46 4.83
CA SER A 494 -12.79 22.77 4.08
C SER A 494 -12.24 21.98 2.90
N ASN A 495 -10.94 22.07 2.62
CA ASN A 495 -10.32 21.39 1.49
C ASN A 495 -9.72 20.04 1.87
N THR A 496 -9.83 19.63 3.12
CA THR A 496 -9.30 18.33 3.52
C THR A 496 -10.16 17.21 2.93
N PRO A 497 -9.58 16.27 2.21
CA PRO A 497 -10.39 15.27 1.51
C PRO A 497 -10.99 14.22 2.45
N VAL A 498 -12.29 14.34 2.71
CA VAL A 498 -12.98 13.32 3.48
C VAL A 498 -13.20 12.09 2.59
N ASP A 499 -12.90 10.92 3.12
CA ASP A 499 -13.06 9.69 2.36
C ASP A 499 -14.52 9.49 1.97
N ASP A 500 -14.72 8.95 0.77
CA ASP A 500 -16.04 8.89 0.17
C ASP A 500 -16.82 7.62 0.49
N PHE A 501 -16.17 6.61 1.09
CA PHE A 501 -16.84 5.33 1.30
C PHE A 501 -18.01 5.47 2.28
N HIS A 502 -17.71 5.72 3.55
CA HIS A 502 -18.75 5.97 4.54
C HIS A 502 -18.48 7.16 5.44
N THR A 503 -17.22 7.59 5.58
CA THR A 503 -16.92 8.81 6.33
C THR A 503 -17.50 10.05 5.67
N ASN A 504 -17.79 9.98 4.36
CA ASN A 504 -18.49 11.08 3.71
C ASN A 504 -19.90 11.22 4.25
N ASP A 505 -20.47 10.14 4.79
CA ASP A 505 -21.82 10.20 5.34
C ASP A 505 -21.87 11.12 6.55
N VAL A 506 -21.13 10.77 7.60
CA VAL A 506 -21.06 11.66 8.76
C VAL A 506 -19.61 11.96 9.15
N CYS A 507 -19.03 12.95 8.48
CA CYS A 507 -17.82 13.66 8.88
C CYS A 507 -17.71 14.89 8.01
N SER A 508 -17.84 16.09 8.58
CA SER A 508 -17.97 17.30 7.78
C SER A 508 -16.96 18.34 8.27
N PHE A 509 -15.76 18.29 7.71
CA PHE A 509 -14.78 19.33 8.01
C PHE A 509 -15.13 20.60 7.23
N PRO A 510 -15.11 21.78 7.87
CA PRO A 510 -14.70 22.05 9.26
C PRO A 510 -15.78 21.74 10.28
N ASN A 511 -15.39 21.30 11.47
CA ASN A 511 -16.31 20.98 12.54
C ASN A 511 -16.08 21.91 13.72
N ALA A 512 -17.18 22.36 14.35
CA ALA A 512 -17.05 23.10 15.59
C ALA A 512 -16.68 22.19 16.75
N LEU A 513 -17.27 20.99 16.79
CA LEU A 513 -16.97 20.07 17.88
C LEU A 513 -15.53 19.58 17.83
N VAL A 514 -15.04 19.26 16.63
CA VAL A 514 -13.66 18.78 16.50
C VAL A 514 -12.67 19.87 16.90
N THR A 515 -12.89 21.10 16.43
CA THR A 515 -11.96 22.17 16.77
C THR A 515 -12.04 22.53 18.24
N LYS A 516 -13.23 22.43 18.86
CA LYS A 516 -13.31 22.69 20.30
C LYS A 516 -12.59 21.59 21.09
N LEU A 517 -12.72 20.34 20.64
CA LEU A 517 -12.01 19.24 21.29
C LEU A 517 -10.50 19.40 21.14
N LEU A 518 -10.04 19.86 19.97
CA LEU A 518 -8.62 20.04 19.76
C LEU A 518 -8.07 21.20 20.58
N LEU A 519 -8.79 22.32 20.61
CA LEU A 519 -8.34 23.46 21.39
C LEU A 519 -8.38 23.18 22.88
N ASP A 520 -9.34 22.37 23.34
CA ASP A 520 -9.36 21.96 24.73
C ASP A 520 -8.31 20.90 25.05
N CYS A 521 -7.67 20.33 24.03
CA CYS A 521 -6.61 19.34 24.23
C CYS A 521 -5.22 19.95 24.09
N GLY A 522 -5.11 21.27 24.06
CA GLY A 522 -3.81 21.93 24.00
C GLY A 522 -3.27 22.17 22.61
N ALA A 523 -4.12 22.22 21.58
CA ALA A 523 -3.64 22.48 20.23
C ALA A 523 -3.06 23.89 20.13
N GLU A 524 -2.05 24.03 19.28
CA GLU A 524 -1.44 25.35 19.08
C GLU A 524 -2.41 26.23 18.31
N VAL A 525 -3.20 27.01 19.04
CA VAL A 525 -4.23 27.84 18.44
C VAL A 525 -3.64 28.93 17.56
N ASN A 526 -2.36 29.26 17.75
CA ASN A 526 -1.73 30.36 17.04
C ASN A 526 -0.61 29.89 16.13
N ALA A 527 -0.60 28.61 15.76
CA ALA A 527 0.45 28.07 14.92
C ALA A 527 0.28 28.53 13.47
N VAL A 528 1.29 28.28 12.66
CA VAL A 528 1.28 28.62 11.24
C VAL A 528 1.68 27.40 10.43
N ASP A 529 1.23 27.39 9.18
CA ASP A 529 1.57 26.36 8.22
C ASP A 529 2.83 26.77 7.45
N ASN A 530 3.11 26.06 6.35
CA ASN A 530 4.28 26.39 5.55
C ASN A 530 4.19 27.79 4.97
N GLU A 531 3.03 28.17 4.45
CA GLU A 531 2.88 29.52 3.91
C GLU A 531 2.87 30.55 5.03
N GLY A 532 2.08 30.32 6.07
CA GLY A 532 1.98 31.26 7.15
C GLY A 532 0.56 31.45 7.64
N ASN A 533 -0.40 30.85 6.93
CA ASN A 533 -1.80 30.94 7.32
C ASN A 533 -2.01 30.23 8.65
N SER A 534 -2.54 30.95 9.63
CA SER A 534 -2.77 30.38 10.95
C SER A 534 -4.08 29.59 10.92
N ALA A 535 -4.55 29.18 12.10
CA ALA A 535 -5.82 28.48 12.19
C ALA A 535 -7.00 29.40 11.89
N LEU A 536 -6.78 30.71 11.96
CA LEU A 536 -7.85 31.66 11.67
C LEU A 536 -7.84 32.10 10.22
N HIS A 537 -6.66 32.14 9.60
CA HIS A 537 -6.58 32.52 8.18
C HIS A 537 -7.24 31.50 7.28
N ILE A 538 -7.39 30.26 7.75
CA ILE A 538 -7.90 29.17 6.92
C ILE A 538 -9.42 29.03 7.05
N ILE A 539 -9.95 29.13 8.26
CA ILE A 539 -11.39 29.02 8.45
C ILE A 539 -12.11 30.21 7.82
N VAL A 540 -11.49 31.40 7.86
CA VAL A 540 -12.14 32.58 7.31
C VAL A 540 -12.41 32.41 5.83
N GLN A 541 -11.49 31.76 5.12
CA GLN A 541 -11.72 31.40 3.72
C GLN A 541 -12.69 30.22 3.63
N TYR A 542 -13.95 30.43 3.98
CA TYR A 542 -14.93 29.35 3.96
C TYR A 542 -15.95 29.58 2.84
N ASN A 543 -16.40 28.47 2.25
CA ASN A 543 -17.27 28.54 1.08
C ASN A 543 -18.70 28.94 1.45
N ARG A 544 -19.21 28.44 2.57
CA ARG A 544 -20.63 28.54 2.91
C ARG A 544 -20.83 29.15 4.29
N PRO A 545 -20.65 30.46 4.44
CA PRO A 545 -21.09 31.10 5.68
C PRO A 545 -22.50 31.65 5.60
N ILE A 546 -23.44 30.88 5.05
CA ILE A 546 -24.84 31.29 5.07
C ILE A 546 -25.72 30.10 5.42
N SER A 547 -25.16 28.90 5.32
CA SER A 547 -25.88 27.67 5.62
C SER A 547 -25.17 26.81 6.64
N ASP A 548 -23.83 26.80 6.62
CA ASP A 548 -23.02 26.15 7.63
C ASP A 548 -22.52 27.17 8.65
N PHE A 549 -23.36 28.17 8.93
CA PHE A 549 -22.97 29.27 9.80
C PHE A 549 -22.71 28.80 11.23
N LEU A 550 -23.46 27.80 11.69
CA LEU A 550 -23.34 27.36 13.08
C LEU A 550 -21.97 26.78 13.36
N THR A 551 -21.32 26.17 12.38
CA THR A 551 -19.96 25.69 12.52
C THR A 551 -18.94 26.64 11.90
N LEU A 552 -19.37 27.85 11.53
CA LEU A 552 -18.45 28.95 11.28
C LEU A 552 -18.44 29.97 12.40
N HIS A 553 -19.56 30.16 13.08
CA HIS A 553 -19.58 31.02 14.26
C HIS A 553 -18.94 30.34 15.46
N SER A 554 -19.19 29.05 15.65
CA SER A 554 -18.65 28.30 16.78
C SER A 554 -17.26 27.75 16.51
N ILE A 555 -16.56 28.29 15.52
CA ILE A 555 -15.19 27.91 15.20
C ILE A 555 -14.37 29.19 15.15
N ILE A 556 -15.05 30.32 15.13
CA ILE A 556 -14.41 31.62 15.29
C ILE A 556 -14.53 32.13 16.72
N ILE A 557 -15.69 31.94 17.35
CA ILE A 557 -15.83 32.30 18.76
C ILE A 557 -14.99 31.39 19.63
N SER A 558 -14.64 30.20 19.15
CA SER A 558 -13.79 29.28 19.91
C SER A 558 -12.32 29.45 19.62
N LEU A 559 -11.96 29.83 18.40
CA LEU A 559 -10.55 30.09 18.09
C LEU A 559 -10.06 31.35 18.81
N VAL A 560 -10.82 32.44 18.71
CA VAL A 560 -10.34 33.70 19.27
C VAL A 560 -10.46 33.75 20.78
N GLU A 561 -11.26 32.88 21.39
CA GLU A 561 -11.27 32.79 22.84
C GLU A 561 -10.21 31.85 23.38
N ALA A 562 -9.57 31.08 22.52
CA ALA A 562 -8.49 30.19 22.92
C ALA A 562 -7.12 30.82 22.77
N GLY A 563 -7.05 32.07 22.31
CA GLY A 563 -5.79 32.78 22.19
C GLY A 563 -5.34 33.05 20.78
N ALA A 564 -6.13 32.70 19.76
CA ALA A 564 -5.75 32.97 18.39
C ALA A 564 -5.70 34.47 18.14
N HIS A 565 -4.64 34.90 17.47
CA HIS A 565 -4.43 36.33 17.24
C HIS A 565 -5.17 36.74 15.97
N THR A 566 -6.12 37.65 16.10
CA THR A 566 -6.93 38.10 14.98
C THR A 566 -6.21 39.10 14.08
N ASP A 567 -5.02 39.55 14.46
CA ASP A 567 -4.23 40.49 13.68
C ASP A 567 -2.98 39.85 13.11
N MET A 568 -2.90 38.52 13.09
CA MET A 568 -1.69 37.84 12.66
C MET A 568 -1.43 38.11 11.18
N THR A 569 -0.19 37.91 10.78
CA THR A 569 0.25 38.21 9.42
C THR A 569 0.97 37.00 8.85
N ASN A 570 0.51 36.51 7.70
CA ASN A 570 1.15 35.41 7.01
C ASN A 570 2.28 35.93 6.14
N LYS A 571 2.81 35.08 5.25
CA LYS A 571 3.95 35.48 4.43
C LYS A 571 3.59 36.61 3.48
N GLN A 572 2.41 36.56 2.88
CA GLN A 572 1.99 37.57 1.90
C GLN A 572 1.56 38.88 2.55
N ASN A 573 1.77 39.06 3.85
CA ASN A 573 1.38 40.25 4.59
C ASN A 573 -0.13 40.49 4.48
N LYS A 574 -0.90 39.54 5.01
CA LYS A 574 -2.36 39.62 4.98
C LYS A 574 -2.93 39.20 6.32
N THR A 575 -3.64 40.12 6.97
CA THR A 575 -4.33 39.81 8.21
C THR A 575 -5.52 38.90 7.92
N PRO A 576 -6.04 38.20 8.94
CA PRO A 576 -7.17 37.28 8.68
C PRO A 576 -8.39 37.95 8.07
N LEU A 577 -8.72 39.17 8.46
CA LEU A 577 -9.82 39.87 7.80
C LEU A 577 -9.42 40.47 6.46
N ASP A 578 -8.13 40.54 6.17
CA ASP A 578 -7.67 40.85 4.82
C ASP A 578 -7.68 39.63 3.92
N LYS A 579 -7.85 38.44 4.50
CA LYS A 579 -7.89 37.20 3.73
C LYS A 579 -9.27 36.57 3.84
N SER A 580 -10.30 37.40 3.71
CA SER A 580 -11.69 36.97 3.84
C SER A 580 -12.30 36.81 2.46
N THR A 581 -12.77 35.61 2.15
CA THR A 581 -13.41 35.36 0.86
C THR A 581 -14.91 35.65 0.87
N THR A 582 -15.47 36.01 2.03
CA THR A 582 -16.89 36.30 2.15
C THR A 582 -17.05 37.57 2.99
N GLY A 583 -18.29 37.87 3.36
CA GLY A 583 -18.55 39.01 4.22
C GLY A 583 -19.03 38.59 5.59
N VAL A 584 -19.80 37.49 5.64
CA VAL A 584 -20.27 36.94 6.91
C VAL A 584 -19.14 36.36 7.73
N SER A 585 -18.00 36.06 7.11
CA SER A 585 -16.85 35.57 7.84
C SER A 585 -15.87 36.65 8.28
N GLU A 586 -15.96 37.85 7.70
CA GLU A 586 -15.18 38.96 8.24
C GLU A 586 -15.97 39.79 9.23
N ILE A 587 -17.31 39.82 9.12
CA ILE A 587 -18.11 40.51 10.12
C ILE A 587 -17.99 39.80 11.46
N LEU A 588 -18.04 38.47 11.45
CA LEU A 588 -17.87 37.72 12.70
C LEU A 588 -16.49 37.93 13.29
N LEU A 589 -15.46 37.98 12.44
CA LEU A 589 -14.11 38.24 12.95
C LEU A 589 -13.99 39.63 13.53
N LYS A 590 -14.55 40.63 12.86
CA LYS A 590 -14.52 42.00 13.36
C LYS A 590 -15.34 42.16 14.63
N THR A 591 -16.34 41.30 14.84
CA THR A 591 -17.05 41.28 16.11
C THR A 591 -16.22 40.61 17.20
N GLN A 592 -15.49 39.55 16.84
CA GLN A 592 -14.73 38.75 17.79
C GLN A 592 -13.29 39.22 17.96
N MET A 593 -12.99 40.49 17.68
CA MET A 593 -11.65 41.02 17.86
C MET A 593 -11.73 42.36 18.57
N LYS A 594 -10.66 42.69 19.28
CA LYS A 594 -10.60 43.91 20.09
C LYS A 594 -9.38 44.73 19.69
N MET A 595 -9.54 46.05 19.74
CA MET A 595 -8.40 46.93 19.51
C MET A 595 -7.46 46.88 20.69
N SER A 596 -6.20 46.55 20.43
CA SER A 596 -5.16 46.55 21.45
C SER A 596 -4.02 47.43 20.96
N LEU A 597 -3.58 48.36 21.81
CA LEU A 597 -2.49 49.24 21.40
C LEU A 597 -1.19 48.47 21.23
N LYS A 598 -1.09 47.27 21.80
CA LYS A 598 0.06 46.41 21.53
C LYS A 598 0.12 46.05 20.05
N CYS A 599 -1.01 45.68 19.46
CA CYS A 599 -1.03 45.33 18.04
C CYS A 599 -0.74 46.54 17.16
N LEU A 600 -1.27 47.71 17.52
CA LEU A 600 -1.04 48.91 16.73
C LEU A 600 0.43 49.31 16.77
N ALA A 601 1.03 49.29 17.96
CA ALA A 601 2.44 49.60 18.07
C ALA A 601 3.30 48.54 17.37
N ALA A 602 2.88 47.28 17.40
CA ALA A 602 3.64 46.24 16.70
C ALA A 602 3.59 46.44 15.19
N ARG A 603 2.43 46.83 14.65
CA ARG A 603 2.35 47.15 13.23
C ARG A 603 3.23 48.34 12.89
N ALA A 604 3.24 49.36 13.76
CA ALA A 604 4.09 50.51 13.51
C ALA A 604 5.58 50.15 13.54
N VAL A 605 5.98 49.25 14.45
CA VAL A 605 7.37 48.82 14.51
C VAL A 605 7.72 47.98 13.28
N ARG A 606 6.81 47.09 12.86
CA ARG A 606 7.09 46.24 11.71
C ARG A 606 7.13 47.03 10.41
N ALA A 607 6.36 48.11 10.32
CA ALA A 607 6.35 48.90 9.09
C ALA A 607 7.60 49.77 8.99
N ASN A 608 7.74 50.73 9.91
CA ASN A 608 8.97 51.51 10.02
C ASN A 608 9.92 50.69 10.88
N ASP A 609 10.84 49.97 10.23
CA ASP A 609 11.65 49.00 10.94
C ASP A 609 12.55 49.68 11.97
N ILE A 610 12.69 49.05 13.13
CA ILE A 610 13.38 49.63 14.26
C ILE A 610 14.60 48.83 14.68
N ASN A 611 14.83 47.65 14.10
CA ASN A 611 15.84 46.68 14.56
C ASN A 611 15.52 46.24 16.00
N TYR A 612 14.40 45.54 16.10
CA TYR A 612 13.80 45.15 17.37
C TYR A 612 14.36 43.85 17.92
N GLN A 613 15.69 43.72 18.01
CA GLN A 613 16.25 42.52 18.64
C GLN A 613 16.42 42.72 20.14
N ASP A 614 17.21 43.71 20.53
CA ASP A 614 17.22 44.18 21.91
C ASP A 614 16.21 45.32 22.02
N GLN A 615 16.24 46.03 23.14
CA GLN A 615 15.34 47.17 23.37
C GLN A 615 13.87 46.76 23.21
N ILE A 616 13.59 45.49 23.45
CA ILE A 616 12.22 44.97 23.42
C ILE A 616 12.22 43.72 24.28
N PRO A 617 11.13 43.43 24.99
CA PRO A 617 11.07 42.16 25.72
C PRO A 617 11.17 40.98 24.78
N ARG A 618 11.66 39.86 25.31
CA ARG A 618 11.86 38.67 24.49
C ARG A 618 10.55 38.18 23.90
N THR A 619 9.48 38.16 24.70
CA THR A 619 8.21 37.65 24.21
C THR A 619 7.56 38.58 23.18
N LEU A 620 7.87 39.88 23.22
CA LEU A 620 7.36 40.79 22.21
C LEU A 620 8.16 40.74 20.92
N GLU A 621 9.35 40.13 20.94
CA GLU A 621 10.15 39.99 19.74
C GLU A 621 9.52 39.03 18.74
N GLU A 622 8.70 38.09 19.22
CA GLU A 622 7.89 37.27 18.35
C GLU A 622 6.53 37.89 18.07
N PHE A 623 6.05 38.72 19.01
CA PHE A 623 4.80 39.44 18.80
C PHE A 623 4.92 40.41 17.63
N VAL A 624 6.06 41.09 17.51
CA VAL A 624 6.30 41.96 16.38
C VAL A 624 6.39 41.15 15.09
N GLY A 625 6.94 39.94 15.16
CA GLY A 625 6.99 39.08 13.99
C GLY A 625 5.64 38.54 13.60
N PHE A 626 4.71 38.47 14.55
CA PHE A 626 3.34 38.06 14.22
C PHE A 626 2.70 39.02 13.23
N HIS A 627 2.90 40.31 13.44
CA HIS A 627 2.30 41.33 12.59
C HIS A 627 3.21 41.72 11.44
N LYS B 9 -20.14 -2.22 -0.28
CA LYS B 9 -19.85 -3.33 0.62
C LYS B 9 -18.44 -3.23 1.19
N PHE B 10 -18.28 -3.60 2.45
CA PHE B 10 -16.96 -3.56 3.08
C PHE B 10 -16.05 -4.65 2.53
N ALA B 11 -16.61 -5.84 2.27
CA ALA B 11 -15.80 -6.94 1.76
C ALA B 11 -15.26 -6.66 0.36
N ASP B 12 -15.98 -5.84 -0.42
CA ASP B 12 -15.49 -5.49 -1.75
C ASP B 12 -14.24 -4.64 -1.69
N HIS B 13 -14.11 -3.79 -0.66
CA HIS B 13 -12.92 -2.95 -0.52
C HIS B 13 -11.68 -3.75 -0.11
N LEU B 14 -11.86 -5.01 0.31
CA LEU B 14 -10.72 -5.84 0.70
C LEU B 14 -9.97 -6.43 -0.49
N HIS B 15 -10.54 -6.36 -1.69
CA HIS B 15 -9.86 -6.93 -2.86
C HIS B 15 -8.65 -6.13 -3.28
N LYS B 16 -8.49 -4.89 -2.79
CA LYS B 16 -7.36 -4.06 -3.16
C LYS B 16 -6.10 -4.39 -2.38
N PHE B 17 -6.19 -5.18 -1.31
CA PHE B 17 -5.04 -5.53 -0.49
C PHE B 17 -4.41 -6.86 -0.89
N HIS B 18 -4.94 -7.53 -1.91
CA HIS B 18 -4.38 -8.79 -2.35
C HIS B 18 -3.17 -8.57 -3.25
N ALA B 25 1.88 -4.25 -2.29
CA ALA B 25 2.84 -3.89 -3.32
C ALA B 25 4.25 -4.34 -2.94
N ALA B 26 4.85 -5.17 -3.78
CA ALA B 26 6.20 -5.67 -3.54
C ALA B 26 6.92 -5.84 -4.87
N GLY B 27 8.17 -5.41 -4.91
CA GLY B 27 8.98 -5.52 -6.11
C GLY B 27 9.69 -6.85 -6.30
N ASP B 28 9.48 -7.80 -5.39
CA ASP B 28 10.14 -9.10 -5.52
C ASP B 28 9.61 -9.87 -6.72
N LEU B 29 8.29 -9.88 -6.92
CA LEU B 29 7.67 -10.67 -7.97
C LEU B 29 7.37 -9.84 -9.22
N TRP B 30 7.96 -8.66 -9.33
CA TRP B 30 7.79 -7.83 -10.52
C TRP B 30 8.64 -8.39 -11.67
N GLN B 31 8.39 -7.88 -12.87
CA GLN B 31 9.16 -8.30 -14.03
C GLN B 31 10.46 -7.50 -14.14
#